data_9FQV
#
_entry.id   9FQV
#
_cell.length_a   1.00
_cell.length_b   1.00
_cell.length_c   1.00
_cell.angle_alpha   90.00
_cell.angle_beta   90.00
_cell.angle_gamma   90.00
#
_symmetry.space_group_name_H-M   'P 1'
#
loop_
_entity.id
_entity.type
_entity.pdbx_description
1 polymer 'High affinity cationic amino acid transporter 1,Green fluorescent protein'
2 polymer 'Surface protein'
3 branched alpha-D-mannopyranose-(1-3)-beta-D-mannopyranose-(1-4)-2-acetamido-2-deoxy-beta-D-glucopyranose-(1-4)-[alpha-L-fucopyranose-(1-6)]2-acetamido-2-deoxy-beta-D-glucopyranose
4 branched 2-acetamido-2-deoxy-beta-D-glucopyranose-(1-4)-2-acetamido-2-deoxy-beta-D-glucopyranose
5 non-polymer LYSINE
6 non-polymer 'CHOLESTEROL HEMISUCCINATE'
#
loop_
_entity_poly.entity_id
_entity_poly.type
_entity_poly.pdbx_seq_one_letter_code
_entity_poly.pdbx_strand_id
1 'polypeptide(L)'
;MLRRKVVDCSREESRLSRCLNTYDLVALGVGSTLGAGVYVLAGAVARENAGPAIVISFLIAALASVLAGLCYGEFGARVP
KTGSAYLYSYVTVGELWAFITGWNLILSYIIGTSSVARAWSATFDELIGKPIGEFSRQHMALNAPGVLAQTPDIFAVIII
IILTGLLTLGVKESAMVNKIFTCINVLVLCFIVVSGFVKGSIKNWQLTEKNFSCNNNDTNVKYGEGGFMPFGFSGVLSGA
ATCFYAFVGFDCIATTGEEVKNPQKAIPVGIVASLLICFIAYFGVSAALTLMMPYFCLDIDSPLPGAFKHQGWEEAKYAV
AIGSLCALSTSLLGSMFPMPRVIYAMAEDGLLFKFLAKINNRTKTPVIATVTSGAIAAVMAFLFELKDLVDLMSIGTLLA
YSLVAACVLVLRYQPEQPNLVYQMARTTEELDRVDQNELVSASESQTGFLPVAEKFSLKSILSPKNVEPSKFSGLIVNIS
AGLLAALIITVCIVAVLGREALAEGTLWAVFVMTGSVLLCMLVTGIIWRQPESKTKLSFKVPFVPVLPVLSIFVNIYLMM
QLDQGTWVRFAVWMLIGFTIYFGYGIWHSEEASLAAGQAKTPDSNLDQCKAENLYFQSGSAVSKGEELFTGVVPILVELD
GDVNGHKFSVSGEGEGDATYGKLTLKFICTTGKLPVPWPTLVTTLTYGVQCFSRYPDHMKQHDFFKSAMPEGYVQERTIF
FKDDGNYKTRAEVKFEGDTLVNRIELKGIDFKEDGNILGHKLEYNYNSHNVYIMADKQKNGIKVNFKIRHNIEDGSVQLA
DHYQQNTPIGDGPVLLPDNHYLSTQSKLSKDPNEKRDHMVLLEFVTAAGITLGMDELYKSGLRSWSHPQFEKGGGSGGGS
GGSAWSHPQFEKHHHHHHHHHH
;
A
2 'polypeptide(L)'
;MGILPSPGMPALLSLVSLLSVLLMGCVAETGAAPGSSPHQVYNITWEVTNGDRETVWAISGNHPLWTWWPVLTPDLCMLA
LSGPPHWGLEYQAPYSSPPGPPCCSGSSGSSAGCSRDCDEPLTSLTPRCNTAWNRLKLDQVTHKSSEGFYVCPGSHRPRE
AKSCGGPDSFYCASWGCETTGRVYWKPSSSWDYITVDNNLTTSQAVQVCKDNKWCNPLAIQFTNAGKQVTSWTTGHYWGL
RLYVSGRDPGLTFGIRLRYQNLGPRVPGTKHHHHHH
;
B
#
loop_
_chem_comp.id
_chem_comp.type
_chem_comp.name
_chem_comp.formula
BMA D-saccharide, beta linking beta-D-mannopyranose 'C6 H12 O6'
FUC L-saccharide, alpha linking alpha-L-fucopyranose 'C6 H12 O5'
MAN D-saccharide, alpha linking alpha-D-mannopyranose 'C6 H12 O6'
NAG D-saccharide, beta linking 2-acetamido-2-deoxy-beta-D-glucopyranose 'C8 H15 N O6'
Y01 non-polymer 'CHOLESTEROL HEMISUCCINATE' 'C31 H50 O4'
#
# COMPACT_ATOMS: atom_id res chain seq x y z
N MET A 1 -9.12 8.21 -35.43
CA MET A 1 -8.54 7.96 -34.11
C MET A 1 -8.73 9.15 -33.17
N LEU A 2 -8.59 10.35 -33.71
CA LEU A 2 -8.78 11.58 -32.95
C LEU A 2 -10.11 12.25 -33.22
N ARG A 3 -11.05 11.56 -33.87
CA ARG A 3 -12.34 12.16 -34.20
C ARG A 3 -13.08 12.55 -32.94
N ARG A 4 -13.51 13.82 -32.89
CA ARG A 4 -14.32 14.33 -31.80
C ARG A 4 -15.78 14.43 -32.24
N LYS A 5 -16.69 14.36 -31.27
CA LYS A 5 -18.11 14.36 -31.52
C LYS A 5 -18.68 15.76 -31.30
N VAL A 6 -19.85 15.99 -31.87
CA VAL A 6 -20.61 17.23 -31.63
C VAL A 6 -21.67 16.91 -30.59
N VAL A 7 -21.58 17.58 -29.43
CA VAL A 7 -22.51 17.33 -28.34
C VAL A 7 -23.92 17.68 -28.77
N CYS A 19 -35.90 18.02 -9.79
CA CYS A 19 -34.47 17.90 -10.08
C CYS A 19 -33.69 17.52 -8.82
N LEU A 20 -32.61 16.77 -9.01
CA LEU A 20 -31.81 16.33 -7.88
C LEU A 20 -31.12 17.52 -7.21
N ASN A 21 -31.22 17.57 -5.88
CA ASN A 21 -30.52 18.60 -5.13
C ASN A 21 -29.08 18.17 -4.85
N THR A 22 -28.29 19.11 -4.36
CA THR A 22 -26.92 18.79 -3.98
C THR A 22 -26.90 17.69 -2.91
N TYR A 23 -27.85 17.74 -1.99
CA TYR A 23 -27.95 16.70 -0.96
C TYR A 23 -28.25 15.35 -1.60
N ASP A 24 -29.08 15.32 -2.64
CA ASP A 24 -29.36 14.07 -3.33
C ASP A 24 -28.10 13.50 -3.98
N LEU A 25 -27.30 14.34 -4.61
CA LEU A 25 -26.05 13.88 -5.19
C LEU A 25 -25.11 13.37 -4.11
N VAL A 26 -25.04 14.06 -2.98
CA VAL A 26 -24.20 13.61 -1.88
C VAL A 26 -24.67 12.25 -1.38
N ALA A 27 -25.98 12.07 -1.26
CA ALA A 27 -26.51 10.79 -0.79
C ALA A 27 -26.18 9.67 -1.77
N LEU A 28 -26.33 9.92 -3.07
CA LEU A 28 -26.00 8.89 -4.06
C LEU A 28 -24.52 8.54 -3.99
N GLY A 29 -23.66 9.55 -3.92
CA GLY A 29 -22.24 9.30 -3.86
C GLY A 29 -21.83 8.53 -2.62
N VAL A 30 -22.40 8.90 -1.48
CA VAL A 30 -22.08 8.19 -0.23
C VAL A 30 -22.58 6.76 -0.30
N GLY A 31 -23.79 6.55 -0.81
CA GLY A 31 -24.34 5.22 -0.93
C GLY A 31 -23.49 4.31 -1.79
N SER A 32 -23.08 4.80 -2.96
CA SER A 32 -22.25 3.98 -3.85
C SER A 32 -20.86 3.78 -3.26
N THR A 33 -20.23 4.86 -2.79
CA THR A 33 -18.85 4.79 -2.31
C THR A 33 -18.75 3.89 -1.08
N LEU A 34 -19.58 4.13 -0.07
CA LEU A 34 -19.56 3.30 1.13
C LEU A 34 -20.02 1.89 0.79
N GLY A 35 -19.37 0.91 1.38
CA GLY A 35 -19.71 -0.48 1.13
C GLY A 35 -18.53 -1.39 1.44
N ALA A 36 -18.26 -2.31 0.51
CA ALA A 36 -17.25 -3.33 0.69
C ALA A 36 -15.92 -2.77 1.18
N GLY A 37 -15.60 -1.54 0.76
CA GLY A 37 -14.30 -0.98 1.09
C GLY A 37 -14.05 -0.91 2.59
N VAL A 38 -15.09 -0.61 3.36
CA VAL A 38 -14.92 -0.39 4.80
C VAL A 38 -15.36 -1.62 5.58
N TYR A 39 -16.41 -2.31 5.11
CA TYR A 39 -16.98 -3.41 5.87
C TYR A 39 -16.20 -4.71 5.72
N VAL A 40 -15.43 -4.88 4.65
CA VAL A 40 -14.70 -6.12 4.41
C VAL A 40 -13.22 -5.81 4.21
N LEU A 41 -12.91 -4.89 3.31
CA LEU A 41 -11.53 -4.62 2.94
C LEU A 41 -10.76 -3.89 4.03
N ALA A 42 -11.43 -3.15 4.91
CA ALA A 42 -10.71 -2.42 5.95
C ALA A 42 -9.91 -3.38 6.81
N GLY A 43 -10.52 -4.48 7.24
CA GLY A 43 -9.81 -5.45 8.06
C GLY A 43 -8.70 -6.14 7.31
N ALA A 44 -8.93 -6.48 6.04
CA ALA A 44 -7.90 -7.14 5.24
C ALA A 44 -6.67 -6.24 5.11
N VAL A 45 -6.88 -4.95 4.83
CA VAL A 45 -5.76 -4.03 4.72
C VAL A 45 -5.10 -3.83 6.08
N ALA A 46 -5.90 -3.80 7.14
CA ALA A 46 -5.33 -3.61 8.48
C ALA A 46 -4.46 -4.80 8.88
N ARG A 47 -4.81 -6.00 8.42
CA ARG A 47 -4.08 -7.19 8.82
C ARG A 47 -2.89 -7.49 7.92
N GLU A 48 -3.01 -7.22 6.61
CA GLU A 48 -2.01 -7.68 5.64
C GLU A 48 -1.06 -6.58 5.19
N ASN A 49 -1.60 -5.44 4.73
CA ASN A 49 -0.77 -4.40 4.11
C ASN A 49 -0.25 -3.41 5.13
N ALA A 50 -1.15 -2.74 5.85
CA ALA A 50 -0.80 -1.79 6.89
C ALA A 50 -1.51 -2.17 8.18
N GLY A 51 -0.93 -1.79 9.31
CA GLY A 51 -1.52 -2.07 10.59
C GLY A 51 -2.49 -0.99 11.01
N PRO A 52 -2.29 -0.41 12.19
CA PRO A 52 -3.06 0.81 12.53
C PRO A 52 -2.85 1.92 11.52
N ALA A 53 -1.68 1.98 10.89
CA ALA A 53 -1.40 2.98 9.87
C ALA A 53 -2.37 2.92 8.70
N ILE A 54 -3.27 1.92 8.68
CA ILE A 54 -4.34 1.93 7.69
C ILE A 54 -5.11 3.24 7.76
N VAL A 55 -5.20 3.85 8.95
CA VAL A 55 -5.88 5.14 9.06
C VAL A 55 -5.22 6.15 8.13
N ILE A 56 -3.88 6.15 8.08
CA ILE A 56 -3.17 7.00 7.14
C ILE A 56 -3.36 6.50 5.71
N SER A 57 -3.44 5.18 5.51
CA SER A 57 -3.59 4.65 4.16
C SER A 57 -4.83 5.20 3.48
N PHE A 58 -5.94 5.29 4.22
CA PHE A 58 -7.13 5.92 3.67
C PHE A 58 -6.87 7.38 3.30
N LEU A 59 -6.18 8.11 4.18
CA LEU A 59 -5.97 9.53 3.96
C LEU A 59 -5.36 9.79 2.58
N ILE A 60 -4.25 9.11 2.28
CA ILE A 60 -3.65 9.26 0.95
C ILE A 60 -4.67 8.89 -0.11
N ALA A 61 -5.29 7.72 0.05
CA ALA A 61 -6.31 7.29 -0.92
C ALA A 61 -7.43 8.30 -1.02
N ALA A 62 -7.74 9.00 0.08
CA ALA A 62 -8.73 10.06 0.01
C ALA A 62 -8.24 11.22 -0.85
N LEU A 63 -7.02 11.70 -0.57
CA LEU A 63 -6.53 12.89 -1.27
C LEU A 63 -6.47 12.64 -2.78
N ALA A 64 -5.90 11.50 -3.18
CA ALA A 64 -5.92 11.13 -4.58
C ALA A 64 -7.35 11.14 -5.12
N SER A 65 -8.27 10.52 -4.39
CA SER A 65 -9.66 10.51 -4.81
C SER A 65 -10.21 11.93 -4.94
N VAL A 66 -9.75 12.85 -4.08
CA VAL A 66 -10.15 14.24 -4.23
C VAL A 66 -9.51 14.83 -5.48
N LEU A 67 -8.21 14.58 -5.68
CA LEU A 67 -7.51 15.19 -6.81
C LEU A 67 -8.18 14.82 -8.13
N ALA A 68 -8.53 13.55 -8.30
CA ALA A 68 -9.27 13.15 -9.50
C ALA A 68 -10.64 13.82 -9.53
N GLY A 69 -11.34 13.82 -8.39
CA GLY A 69 -12.70 14.35 -8.39
C GLY A 69 -12.77 15.78 -8.86
N LEU A 70 -11.87 16.62 -8.34
CA LEU A 70 -11.81 18.01 -8.78
C LEU A 70 -11.70 18.09 -10.29
N CYS A 71 -10.82 17.28 -10.88
CA CYS A 71 -10.67 17.29 -12.33
C CYS A 71 -12.01 17.06 -13.01
N TYR A 72 -12.78 16.07 -12.53
CA TYR A 72 -14.07 15.79 -13.13
C TYR A 72 -14.94 17.05 -13.16
N GLY A 73 -14.90 17.83 -12.08
CA GLY A 73 -15.69 19.06 -12.07
C GLY A 73 -15.39 19.94 -13.25
N GLU A 74 -14.11 20.09 -13.59
CA GLU A 74 -13.77 20.81 -14.82
C GLU A 74 -14.08 19.98 -16.05
N PHE A 75 -13.79 18.67 -15.99
CA PHE A 75 -14.02 17.82 -17.15
C PHE A 75 -15.49 17.79 -17.54
N GLY A 76 -16.38 17.72 -16.55
CA GLY A 76 -17.80 17.83 -16.82
C GLY A 76 -18.26 19.25 -17.10
N ALA A 77 -17.49 20.25 -16.70
CA ALA A 77 -17.87 21.63 -16.95
C ALA A 77 -17.67 22.02 -18.41
N ARG A 78 -16.86 21.28 -19.16
CA ARG A 78 -16.57 21.62 -20.53
C ARG A 78 -17.61 21.09 -21.51
N VAL A 79 -18.47 20.18 -21.08
CA VAL A 79 -19.46 19.54 -21.94
C VAL A 79 -20.85 19.93 -21.43
N PRO A 80 -21.70 20.54 -22.25
CA PRO A 80 -23.04 20.90 -21.76
C PRO A 80 -23.84 19.70 -21.28
N LYS A 81 -23.71 18.55 -21.94
CA LYS A 81 -24.49 17.37 -21.59
C LYS A 81 -23.75 16.57 -20.52
N THR A 82 -24.42 16.35 -19.39
CA THR A 82 -23.83 15.57 -18.31
C THR A 82 -23.77 14.09 -18.67
N GLY A 83 -22.71 13.43 -18.22
CA GLY A 83 -22.57 12.01 -18.47
C GLY A 83 -21.24 11.50 -17.97
N SER A 84 -20.95 10.26 -18.32
CA SER A 84 -19.73 9.60 -17.86
C SER A 84 -18.50 10.24 -18.51
N ALA A 85 -17.32 9.86 -17.98
CA ALA A 85 -16.08 10.40 -18.52
C ALA A 85 -15.89 10.02 -19.98
N TYR A 86 -16.47 8.91 -20.43
CA TYR A 86 -16.41 8.56 -21.83
C TYR A 86 -17.07 9.62 -22.70
N LEU A 87 -18.25 10.10 -22.27
CA LEU A 87 -18.92 11.17 -23.00
C LEU A 87 -18.01 12.40 -23.13
N TYR A 88 -17.45 12.84 -22.01
CA TYR A 88 -16.64 14.05 -22.03
C TYR A 88 -15.40 13.87 -22.89
N SER A 89 -14.74 12.72 -22.79
CA SER A 89 -13.54 12.46 -23.59
C SER A 89 -13.88 12.46 -25.07
N TYR A 90 -14.96 11.78 -25.46
CA TYR A 90 -15.32 11.71 -26.86
C TYR A 90 -15.79 13.04 -27.40
N VAL A 91 -16.35 13.91 -26.54
CA VAL A 91 -16.65 15.28 -26.95
C VAL A 91 -15.38 16.11 -27.12
N THR A 92 -14.42 15.96 -26.21
CA THR A 92 -13.34 16.94 -26.10
C THR A 92 -12.05 16.49 -26.79
N VAL A 93 -11.52 15.33 -26.42
CA VAL A 93 -10.15 15.00 -26.81
C VAL A 93 -10.10 14.18 -28.10
N GLY A 94 -10.96 13.19 -28.27
CA GLY A 94 -10.93 12.41 -29.50
C GLY A 94 -11.59 11.05 -29.31
N GLU A 95 -11.28 10.14 -30.23
CA GLU A 95 -11.95 8.85 -30.29
C GLU A 95 -11.17 7.75 -29.59
N LEU A 96 -9.86 7.64 -29.84
CA LEU A 96 -9.06 6.62 -29.18
C LEU A 96 -9.01 6.84 -27.67
N TRP A 97 -8.79 8.08 -27.25
CA TRP A 97 -8.77 8.37 -25.82
C TRP A 97 -10.13 8.09 -25.20
N ALA A 98 -11.20 8.46 -25.90
CA ALA A 98 -12.54 8.18 -25.41
C ALA A 98 -12.77 6.68 -25.28
N PHE A 99 -12.32 5.90 -26.26
CA PHE A 99 -12.48 4.45 -26.17
C PHE A 99 -11.70 3.88 -25.00
N ILE A 100 -10.48 4.37 -24.77
CA ILE A 100 -9.69 3.87 -23.65
C ILE A 100 -10.40 4.21 -22.33
N THR A 101 -10.91 5.44 -22.20
CA THR A 101 -11.61 5.82 -20.99
C THR A 101 -12.86 4.97 -20.79
N GLY A 102 -13.63 4.77 -21.86
CA GLY A 102 -14.85 3.98 -21.74
C GLY A 102 -14.56 2.52 -21.42
N TRP A 103 -13.50 1.97 -22.01
CA TRP A 103 -13.11 0.59 -21.71
C TRP A 103 -12.68 0.45 -20.25
N ASN A 104 -11.93 1.44 -19.75
CA ASN A 104 -11.54 1.43 -18.34
C ASN A 104 -12.76 1.57 -17.44
N LEU A 105 -13.73 2.39 -17.83
CA LEU A 105 -14.95 2.51 -17.03
C LEU A 105 -15.76 1.22 -17.06
N ILE A 106 -15.78 0.54 -18.21
CA ILE A 106 -16.48 -0.75 -18.29
C ILE A 106 -15.82 -1.76 -17.37
N LEU A 107 -14.49 -1.83 -17.40
CA LEU A 107 -13.78 -2.67 -16.44
C LEU A 107 -14.12 -2.28 -15.02
N SER A 108 -14.13 -0.98 -14.73
CA SER A 108 -14.43 -0.51 -13.38
C SER A 108 -15.78 -1.03 -12.93
N TYR A 109 -16.82 -0.81 -13.74
CA TYR A 109 -18.16 -1.21 -13.34
C TYR A 109 -18.29 -2.72 -13.23
N ILE A 110 -17.75 -3.46 -14.19
CA ILE A 110 -17.88 -4.91 -14.17
C ILE A 110 -17.19 -5.49 -12.94
N ILE A 111 -15.95 -5.09 -12.71
CA ILE A 111 -15.19 -5.65 -11.59
C ILE A 111 -15.72 -5.13 -10.26
N GLY A 112 -16.31 -3.93 -10.24
CA GLY A 112 -16.98 -3.47 -9.03
C GLY A 112 -18.19 -4.31 -8.70
N THR A 113 -19.01 -4.60 -9.70
CA THR A 113 -20.13 -5.52 -9.49
C THR A 113 -19.62 -6.85 -8.96
N SER A 114 -18.57 -7.40 -9.58
CA SER A 114 -18.04 -8.69 -9.17
C SER A 114 -17.55 -8.65 -7.72
N SER A 115 -16.77 -7.62 -7.37
CA SER A 115 -16.17 -7.56 -6.05
C SER A 115 -17.21 -7.30 -4.97
N VAL A 116 -18.16 -6.41 -5.23
CA VAL A 116 -19.20 -6.15 -4.25
C VAL A 116 -20.09 -7.38 -4.08
N ALA A 117 -20.36 -8.09 -5.18
CA ALA A 117 -21.14 -9.32 -5.06
C ALA A 117 -20.40 -10.35 -4.23
N ARG A 118 -19.09 -10.49 -4.45
CA ARG A 118 -18.28 -11.34 -3.58
C ARG A 118 -18.39 -10.94 -2.12
N ALA A 119 -18.16 -9.66 -1.83
CA ALA A 119 -18.12 -9.24 -0.44
C ALA A 119 -19.48 -9.46 0.23
N TRP A 120 -20.56 -9.15 -0.48
CA TRP A 120 -21.89 -9.29 0.09
C TRP A 120 -22.27 -10.76 0.25
N SER A 121 -21.91 -11.60 -0.73
CA SER A 121 -22.17 -13.03 -0.61
C SER A 121 -21.41 -13.62 0.56
N ALA A 122 -20.15 -13.23 0.72
CA ALA A 122 -19.36 -13.72 1.86
C ALA A 122 -19.97 -13.27 3.18
N THR A 123 -20.39 -12.00 3.25
CA THR A 123 -21.00 -11.50 4.49
C THR A 123 -22.27 -12.27 4.82
N PHE A 124 -23.14 -12.47 3.84
CA PHE A 124 -24.38 -13.21 4.08
C PHE A 124 -24.08 -14.66 4.46
N ASP A 125 -23.12 -15.28 3.78
CA ASP A 125 -22.78 -16.67 4.07
C ASP A 125 -22.26 -16.81 5.50
N GLU A 126 -21.40 -15.88 5.93
CA GLU A 126 -20.90 -15.92 7.30
C GLU A 126 -22.02 -15.66 8.31
N LEU A 127 -22.96 -14.77 7.96
CA LEU A 127 -24.05 -14.47 8.87
C LEU A 127 -24.88 -15.71 9.17
N ILE A 128 -25.03 -16.60 8.19
CA ILE A 128 -25.84 -17.80 8.36
C ILE A 128 -24.98 -19.04 8.65
N GLY A 129 -23.74 -18.83 9.09
CA GLY A 129 -22.89 -19.94 9.51
C GLY A 129 -22.00 -20.53 8.44
N LYS A 130 -21.78 -19.82 7.34
CA LYS A 130 -20.92 -20.29 6.25
C LYS A 130 -21.37 -21.64 5.71
N PRO A 131 -22.66 -21.86 5.44
CA PRO A 131 -23.07 -23.14 4.84
C PRO A 131 -22.86 -23.16 3.33
N ILE A 132 -23.08 -22.01 2.68
CA ILE A 132 -22.94 -21.94 1.23
C ILE A 132 -21.48 -22.12 0.84
N GLY A 133 -20.56 -21.46 1.56
CA GLY A 133 -19.15 -21.63 1.28
C GLY A 133 -18.69 -23.06 1.55
N GLU A 134 -19.22 -23.68 2.60
CA GLU A 134 -18.88 -25.06 2.89
C GLU A 134 -19.34 -25.98 1.76
N PHE A 135 -20.56 -25.75 1.26
CA PHE A 135 -21.04 -26.54 0.12
C PHE A 135 -20.18 -26.32 -1.11
N SER A 136 -19.78 -25.06 -1.36
CA SER A 136 -18.93 -24.78 -2.50
C SER A 136 -17.60 -25.51 -2.39
N ARG A 137 -17.00 -25.50 -1.21
CA ARG A 137 -15.75 -26.25 -1.01
C ARG A 137 -15.98 -27.74 -1.20
N GLN A 138 -17.10 -28.27 -0.70
CA GLN A 138 -17.36 -29.70 -0.78
C GLN A 138 -17.52 -30.16 -2.23
N HIS A 139 -18.26 -29.40 -3.03
CA HIS A 139 -18.68 -29.88 -4.34
C HIS A 139 -17.94 -29.23 -5.52
N MET A 140 -17.15 -28.18 -5.28
CA MET A 140 -16.52 -27.46 -6.40
C MET A 140 -15.29 -26.72 -5.89
N ALA A 141 -14.11 -27.16 -6.32
CA ALA A 141 -12.84 -26.50 -6.03
C ALA A 141 -12.14 -26.19 -7.34
N LEU A 142 -11.71 -24.94 -7.51
CA LEU A 142 -11.05 -24.54 -8.75
C LEU A 142 -9.71 -25.25 -8.91
N ASN A 143 -8.99 -25.47 -7.81
CA ASN A 143 -7.70 -26.16 -7.80
C ASN A 143 -6.57 -25.31 -8.37
N ALA A 144 -6.73 -24.00 -8.42
CA ALA A 144 -5.71 -23.08 -8.91
C ALA A 144 -5.52 -21.96 -7.89
N PRO A 145 -4.92 -22.27 -6.74
CA PRO A 145 -4.80 -21.26 -5.68
C PRO A 145 -4.02 -20.02 -6.11
N GLY A 146 -2.98 -20.19 -6.93
CA GLY A 146 -2.14 -19.05 -7.27
C GLY A 146 -2.86 -17.99 -8.06
N VAL A 147 -3.65 -18.40 -9.05
CA VAL A 147 -4.32 -17.48 -9.98
C VAL A 147 -5.81 -17.36 -9.64
N LEU A 148 -6.54 -18.46 -9.70
CA LEU A 148 -7.98 -18.44 -9.47
C LEU A 148 -8.28 -18.59 -7.98
N ALA A 149 -9.54 -18.36 -7.63
CA ALA A 149 -9.96 -18.44 -6.24
C ALA A 149 -10.01 -19.89 -5.76
N GLN A 150 -9.65 -20.09 -4.50
CA GLN A 150 -9.75 -21.42 -3.91
C GLN A 150 -11.20 -21.87 -3.85
N THR A 151 -12.11 -20.95 -3.54
CA THR A 151 -13.54 -21.26 -3.40
C THR A 151 -14.32 -20.50 -4.45
N PRO A 152 -14.99 -21.16 -5.40
CA PRO A 152 -15.84 -20.43 -6.34
C PRO A 152 -17.13 -19.95 -5.66
N ASP A 153 -17.40 -18.66 -5.75
CA ASP A 153 -18.58 -18.08 -5.12
C ASP A 153 -19.76 -18.25 -6.07
N ILE A 154 -20.44 -19.38 -5.93
CA ILE A 154 -21.65 -19.61 -6.72
C ILE A 154 -22.76 -18.66 -6.29
N PHE A 155 -22.82 -18.33 -5.00
CA PHE A 155 -23.86 -17.42 -4.53
C PHE A 155 -23.71 -16.03 -5.13
N ALA A 156 -22.48 -15.59 -5.33
CA ALA A 156 -22.27 -14.32 -6.03
C ALA A 156 -22.81 -14.39 -7.45
N VAL A 157 -22.61 -15.51 -8.12
CA VAL A 157 -23.16 -15.69 -9.47
C VAL A 157 -24.68 -15.61 -9.43
N ILE A 158 -25.30 -16.27 -8.44
CA ILE A 158 -26.76 -16.23 -8.32
C ILE A 158 -27.23 -14.80 -8.09
N ILE A 159 -26.52 -14.06 -7.23
CA ILE A 159 -26.90 -12.69 -6.92
C ILE A 159 -26.82 -11.83 -8.17
N ILE A 160 -25.72 -11.96 -8.92
CA ILE A 160 -25.57 -11.17 -10.13
C ILE A 160 -26.62 -11.54 -11.16
N ILE A 161 -26.96 -12.82 -11.27
CA ILE A 161 -28.00 -13.25 -12.20
C ILE A 161 -29.33 -12.61 -11.82
N ILE A 162 -29.66 -12.64 -10.52
CA ILE A 162 -30.93 -12.07 -10.07
C ILE A 162 -30.99 -10.58 -10.36
N LEU A 163 -29.91 -9.87 -10.04
CA LEU A 163 -29.90 -8.42 -10.24
C LEU A 163 -29.90 -8.06 -11.72
N THR A 164 -29.23 -8.84 -12.56
CA THR A 164 -29.29 -8.61 -14.01
C THR A 164 -30.70 -8.85 -14.52
N GLY A 165 -31.38 -9.87 -14.02
CA GLY A 165 -32.77 -10.08 -14.39
C GLY A 165 -33.64 -8.90 -13.99
N LEU A 166 -33.42 -8.37 -12.78
CA LEU A 166 -34.18 -7.20 -12.35
C LEU A 166 -33.92 -6.02 -13.26
N LEU A 167 -32.64 -5.76 -13.59
CA LEU A 167 -32.30 -4.62 -14.42
C LEU A 167 -32.87 -4.74 -15.82
N THR A 168 -32.82 -5.95 -16.40
CA THR A 168 -33.31 -6.13 -17.76
C THR A 168 -34.81 -5.87 -17.85
N LEU A 169 -35.57 -6.28 -16.83
CA LEU A 169 -37.01 -6.13 -16.82
C LEU A 169 -37.46 -4.71 -16.49
N GLY A 170 -36.54 -3.75 -16.39
CA GLY A 170 -36.90 -2.35 -16.26
C GLY A 170 -36.79 -1.78 -14.86
N VAL A 171 -36.27 -2.54 -13.89
CA VAL A 171 -36.09 -1.99 -12.55
C VAL A 171 -35.05 -0.89 -12.60
N LYS A 172 -35.38 0.24 -11.97
CA LYS A 172 -34.55 1.44 -12.01
C LYS A 172 -34.06 1.78 -10.61
N GLU A 173 -33.39 2.93 -10.50
CA GLU A 173 -32.81 3.36 -9.24
C GLU A 173 -33.91 3.96 -8.36
N SER A 174 -34.14 3.34 -7.20
CA SER A 174 -35.09 3.86 -6.22
C SER A 174 -34.33 4.77 -5.26
N ALA A 175 -34.40 6.07 -5.51
CA ALA A 175 -33.66 7.02 -4.69
C ALA A 175 -34.09 6.97 -3.23
N MET A 176 -35.37 6.73 -2.97
CA MET A 176 -35.83 6.64 -1.59
C MET A 176 -35.18 5.46 -0.87
N VAL A 177 -35.14 4.30 -1.52
CA VAL A 177 -34.51 3.13 -0.92
C VAL A 177 -33.02 3.38 -0.71
N ASN A 178 -32.37 4.02 -1.68
CA ASN A 178 -30.96 4.35 -1.53
C ASN A 178 -30.74 5.25 -0.34
N LYS A 179 -31.57 6.27 -0.17
CA LYS A 179 -31.42 7.17 0.97
C LYS A 179 -31.63 6.44 2.29
N ILE A 180 -32.65 5.57 2.36
CA ILE A 180 -32.92 4.85 3.60
C ILE A 180 -31.75 3.94 3.95
N PHE A 181 -31.26 3.20 2.95
CA PHE A 181 -30.14 2.29 3.20
C PHE A 181 -28.88 3.06 3.58
N THR A 182 -28.65 4.22 2.94
CA THR A 182 -27.49 5.03 3.29
C THR A 182 -27.59 5.54 4.71
N CYS A 183 -28.80 5.96 5.13
CA CYS A 183 -28.98 6.41 6.50
C CYS A 183 -28.70 5.27 7.49
N ILE A 184 -29.22 4.08 7.20
CA ILE A 184 -28.96 2.93 8.07
C ILE A 184 -27.47 2.65 8.14
N ASN A 185 -26.80 2.65 6.99
CA ASN A 185 -25.37 2.35 6.96
C ASN A 185 -24.57 3.40 7.73
N VAL A 186 -24.94 4.68 7.58
CA VAL A 186 -24.21 5.73 8.29
C VAL A 186 -24.44 5.62 9.79
N LEU A 187 -25.66 5.28 10.20
CA LEU A 187 -25.92 5.07 11.63
C LEU A 187 -25.08 3.91 12.15
N VAL A 188 -24.98 2.83 11.38
CA VAL A 188 -24.18 1.68 11.81
C VAL A 188 -22.71 2.06 11.89
N LEU A 189 -22.23 2.85 10.94
CA LEU A 189 -20.83 3.28 10.98
C LEU A 189 -20.55 4.18 12.18
N CYS A 190 -21.48 5.09 12.50
CA CYS A 190 -21.33 5.92 13.69
C CYS A 190 -21.32 5.06 14.94
N PHE A 191 -22.19 4.05 15.00
CA PHE A 191 -22.17 3.12 16.13
C PHE A 191 -20.83 2.41 16.22
N ILE A 192 -20.28 2.00 15.08
CA ILE A 192 -18.98 1.32 15.07
C ILE A 192 -17.90 2.25 15.62
N VAL A 193 -17.91 3.51 15.19
CA VAL A 193 -16.90 4.46 15.64
C VAL A 193 -17.01 4.67 17.15
N VAL A 194 -18.24 4.87 17.64
CA VAL A 194 -18.44 5.10 19.07
C VAL A 194 -18.03 3.87 19.88
N SER A 195 -18.40 2.68 19.42
CA SER A 195 -18.05 1.47 20.13
C SER A 195 -16.54 1.24 20.13
N GLY A 196 -15.87 1.60 19.04
CA GLY A 196 -14.41 1.48 19.01
C GLY A 196 -13.74 2.45 19.97
N PHE A 197 -14.23 3.70 20.02
CA PHE A 197 -13.65 4.67 20.93
C PHE A 197 -14.00 4.39 22.38
N VAL A 198 -15.05 3.62 22.64
CA VAL A 198 -15.42 3.26 24.00
C VAL A 198 -14.69 2.01 24.47
N LYS A 199 -14.73 0.95 23.67
CA LYS A 199 -14.09 -0.32 24.02
C LYS A 199 -12.63 -0.37 23.60
N GLY A 200 -12.30 0.16 22.43
CA GLY A 200 -10.94 0.13 21.96
C GLY A 200 -10.01 0.97 22.82
N SER A 201 -8.72 0.64 22.75
CA SER A 201 -7.70 1.32 23.54
C SER A 201 -6.49 1.60 22.65
N ILE A 202 -5.73 2.64 23.03
CA ILE A 202 -4.54 3.00 22.28
C ILE A 202 -3.46 1.93 22.37
N LYS A 203 -3.55 1.04 23.36
CA LYS A 203 -2.52 0.02 23.52
C LYS A 203 -2.41 -0.88 22.29
N ASN A 204 -3.53 -1.11 21.59
CA ASN A 204 -3.48 -1.92 20.38
C ASN A 204 -2.66 -1.28 19.28
N TRP A 205 -2.42 0.03 19.37
CA TRP A 205 -1.55 0.73 18.44
C TRP A 205 -0.11 0.76 18.91
N GLN A 206 0.20 0.15 20.06
CA GLN A 206 1.54 0.17 20.63
C GLN A 206 2.00 -1.24 20.97
N LEU A 207 1.60 -2.24 20.16
CA LEU A 207 1.95 -3.62 20.45
C LEU A 207 3.43 -3.88 20.19
N THR A 208 3.97 -4.84 20.94
CA THR A 208 5.36 -5.25 20.79
C THR A 208 5.44 -6.77 20.70
N GLU A 209 6.66 -7.31 20.70
CA GLU A 209 6.81 -8.77 20.62
C GLU A 209 6.15 -9.47 21.80
N LYS A 210 5.95 -8.77 22.92
CA LYS A 210 5.27 -9.38 24.06
C LYS A 210 3.82 -9.70 23.74
N ASN A 211 3.21 -8.94 22.82
CA ASN A 211 1.80 -9.12 22.46
C ASN A 211 1.62 -9.83 21.12
N PHE A 212 2.70 -10.31 20.50
CA PHE A 212 2.61 -10.99 19.20
C PHE A 212 2.13 -12.42 19.43
N SER A 213 0.89 -12.54 19.90
CA SER A 213 0.31 -13.86 20.14
C SER A 213 -1.22 -13.71 20.09
N CYS A 214 -1.82 -14.13 18.99
CA CYS A 214 -3.26 -14.24 18.90
C CYS A 214 -3.70 -15.51 19.62
N ASN A 215 -4.52 -15.35 20.65
CA ASN A 215 -4.82 -16.47 21.55
C ASN A 215 -5.59 -17.58 20.84
N ASN A 216 -6.04 -17.38 19.60
CA ASN A 216 -6.64 -18.45 18.83
C ASN A 216 -5.55 -19.42 18.38
N ASN A 217 -5.92 -20.41 17.58
CA ASN A 217 -4.98 -21.40 17.07
C ASN A 217 -4.56 -21.13 15.62
N ASP A 218 -4.57 -19.85 15.22
CA ASP A 218 -4.15 -19.50 13.88
C ASP A 218 -2.64 -19.60 13.75
N THR A 219 -2.19 -19.79 12.51
CA THR A 219 -0.77 -19.91 12.18
C THR A 219 -0.45 -19.02 10.99
N ASN A 220 0.85 -18.86 10.74
CA ASN A 220 1.33 -18.01 9.65
C ASN A 220 0.80 -16.59 9.80
N VAL A 221 0.97 -16.03 10.99
CA VAL A 221 0.50 -14.69 11.32
C VAL A 221 1.63 -13.70 11.11
N LYS A 222 1.37 -12.66 10.32
CA LYS A 222 2.35 -11.61 10.07
C LYS A 222 2.22 -10.56 11.16
N TYR A 223 3.19 -10.54 12.08
CA TYR A 223 3.17 -9.61 13.21
C TYR A 223 3.91 -8.31 12.90
N GLY A 224 4.64 -8.24 11.79
CA GLY A 224 5.34 -7.03 11.40
C GLY A 224 6.27 -6.55 12.50
N GLU A 225 6.43 -5.23 12.56
CA GLU A 225 7.20 -4.59 13.61
C GLU A 225 6.39 -4.26 14.86
N GLY A 226 5.07 -4.32 14.77
CA GLY A 226 4.23 -3.86 15.86
C GLY A 226 4.07 -2.35 15.82
N GLY A 227 3.31 -1.84 16.78
CA GLY A 227 3.09 -0.41 16.86
C GLY A 227 2.12 0.10 15.83
N PHE A 228 2.16 1.42 15.63
CA PHE A 228 1.21 2.07 14.73
C PHE A 228 1.44 1.64 13.28
N MET A 229 2.70 1.45 12.88
CA MET A 229 3.05 1.15 11.49
C MET A 229 3.92 -0.10 11.49
N PRO A 230 3.32 -1.27 11.72
CA PRO A 230 4.11 -2.51 11.78
C PRO A 230 4.78 -2.87 10.46
N PHE A 231 4.15 -2.57 9.32
CA PHE A 231 4.64 -3.00 8.02
C PHE A 231 5.35 -1.90 7.24
N GLY A 232 5.58 -0.74 7.86
CA GLY A 232 6.34 0.31 7.24
C GLY A 232 5.52 1.17 6.30
N PHE A 233 6.13 2.26 5.85
CA PHE A 233 5.43 3.17 4.95
C PHE A 233 5.18 2.53 3.59
N SER A 234 6.00 1.55 3.19
CA SER A 234 5.69 0.79 1.99
C SER A 234 4.38 0.03 2.15
N GLY A 235 4.18 -0.60 3.31
CA GLY A 235 2.91 -1.23 3.59
C GLY A 235 1.78 -0.23 3.65
N VAL A 236 2.04 0.98 4.19
CA VAL A 236 1.03 2.01 4.22
C VAL A 236 0.62 2.41 2.81
N LEU A 237 1.59 2.55 1.91
CA LEU A 237 1.28 2.93 0.52
C LEU A 237 0.52 1.82 -0.19
N SER A 238 0.89 0.56 0.05
CA SER A 238 0.14 -0.54 -0.53
C SER A 238 -1.30 -0.55 -0.01
N GLY A 239 -1.47 -0.30 1.29
CA GLY A 239 -2.81 -0.22 1.85
C GLY A 239 -3.60 0.94 1.25
N ALA A 240 -2.94 2.07 0.99
CA ALA A 240 -3.62 3.20 0.36
C ALA A 240 -4.05 2.85 -1.07
N ALA A 241 -3.18 2.15 -1.81
CA ALA A 241 -3.56 1.72 -3.14
C ALA A 241 -4.77 0.78 -3.10
N THR A 242 -4.78 -0.13 -2.12
CA THR A 242 -5.94 -1.02 -1.98
C THR A 242 -7.19 -0.26 -1.57
N CYS A 243 -7.05 0.72 -0.67
CA CYS A 243 -8.18 1.46 -0.14
C CYS A 243 -8.73 2.47 -1.14
N PHE A 244 -7.97 2.81 -2.18
CA PHE A 244 -8.54 3.63 -3.25
C PHE A 244 -9.79 2.98 -3.80
N TYR A 245 -9.88 1.66 -3.75
CA TYR A 245 -11.11 0.95 -4.09
C TYR A 245 -12.29 1.49 -3.28
N ALA A 246 -12.07 1.79 -2.00
CA ALA A 246 -13.16 2.20 -1.13
C ALA A 246 -13.76 3.53 -1.57
N PHE A 247 -12.94 4.43 -2.13
CA PHE A 247 -13.40 5.75 -2.52
C PHE A 247 -13.99 5.79 -3.92
N VAL A 248 -13.98 4.67 -4.65
CA VAL A 248 -14.57 4.65 -5.98
C VAL A 248 -16.10 4.64 -5.86
N GLY A 249 -16.75 5.06 -6.94
CA GLY A 249 -18.20 5.11 -6.98
C GLY A 249 -18.79 6.51 -6.92
N PHE A 250 -17.98 7.53 -6.63
CA PHE A 250 -18.49 8.89 -6.61
C PHE A 250 -18.87 9.35 -8.01
N ASP A 251 -18.44 8.63 -9.04
CA ASP A 251 -18.77 8.98 -10.42
C ASP A 251 -20.25 8.80 -10.74
N CYS A 252 -21.01 8.13 -9.87
CA CYS A 252 -22.41 7.87 -10.15
C CYS A 252 -23.20 9.18 -10.29
N ILE A 253 -22.74 10.23 -9.61
CA ILE A 253 -23.46 11.51 -9.66
C ILE A 253 -23.57 12.01 -11.09
N ALA A 254 -22.45 12.03 -11.82
CA ALA A 254 -22.47 12.46 -13.21
C ALA A 254 -23.04 11.38 -14.12
N THR A 255 -22.78 10.11 -13.81
CA THR A 255 -23.12 9.03 -14.72
C THR A 255 -24.64 8.88 -14.87
N THR A 256 -25.39 9.11 -13.79
CA THR A 256 -26.82 8.83 -13.81
C THR A 256 -27.51 9.60 -14.95
N GLY A 257 -27.16 10.87 -15.13
CA GLY A 257 -27.74 11.66 -16.19
C GLY A 257 -29.09 12.26 -15.87
N GLU A 258 -29.63 12.00 -14.69
CA GLU A 258 -30.89 12.62 -14.29
C GLU A 258 -30.71 14.12 -14.13
N GLU A 259 -31.77 14.87 -14.42
CA GLU A 259 -31.70 16.32 -14.35
C GLU A 259 -31.30 16.77 -12.95
N VAL A 260 -30.39 17.73 -12.89
CA VAL A 260 -29.89 18.27 -11.63
C VAL A 260 -30.21 19.76 -11.61
N LYS A 261 -30.56 20.27 -10.41
CA LYS A 261 -30.92 21.67 -10.30
C LYS A 261 -29.83 22.59 -10.84
N ASN A 262 -28.58 22.35 -10.44
CA ASN A 262 -27.43 23.09 -10.94
C ASN A 262 -26.34 22.08 -11.26
N PRO A 263 -26.43 21.42 -12.43
CA PRO A 263 -25.58 20.24 -12.68
C PRO A 263 -24.08 20.50 -12.50
N GLN A 264 -23.53 21.45 -13.26
CA GLN A 264 -22.08 21.60 -13.27
C GLN A 264 -21.55 22.18 -11.97
N LYS A 265 -22.40 22.78 -11.14
CA LYS A 265 -21.99 23.33 -9.85
C LYS A 265 -22.29 22.38 -8.70
N ALA A 266 -23.40 21.67 -8.75
CA ALA A 266 -23.74 20.73 -7.68
C ALA A 266 -22.91 19.46 -7.81
N ILE A 267 -22.62 19.03 -9.03
CA ILE A 267 -21.88 17.77 -9.22
C ILE A 267 -20.50 17.81 -8.57
N PRO A 268 -19.65 18.81 -8.83
CA PRO A 268 -18.35 18.83 -8.13
C PRO A 268 -18.48 18.98 -6.63
N VAL A 269 -19.40 19.83 -6.17
CA VAL A 269 -19.61 20.00 -4.74
C VAL A 269 -20.08 18.69 -4.12
N GLY A 270 -21.03 18.01 -4.78
CA GLY A 270 -21.50 16.73 -4.28
C GLY A 270 -20.40 15.70 -4.24
N ILE A 271 -19.58 15.63 -5.28
CA ILE A 271 -18.47 14.67 -5.32
C ILE A 271 -17.51 14.92 -4.17
N VAL A 272 -17.13 16.18 -3.97
CA VAL A 272 -16.18 16.50 -2.92
C VAL A 272 -16.77 16.20 -1.54
N ALA A 273 -18.02 16.58 -1.33
CA ALA A 273 -18.65 16.33 -0.03
C ALA A 273 -18.75 14.83 0.24
N SER A 274 -19.14 14.05 -0.77
CA SER A 274 -19.21 12.61 -0.59
C SER A 274 -17.84 12.02 -0.28
N LEU A 275 -16.81 12.49 -0.98
CA LEU A 275 -15.46 11.97 -0.74
C LEU A 275 -15.00 12.29 0.67
N LEU A 276 -15.23 13.51 1.14
CA LEU A 276 -14.82 13.88 2.50
C LEU A 276 -15.61 13.09 3.55
N ILE A 277 -16.92 12.93 3.34
CA ILE A 277 -17.72 12.16 4.29
C ILE A 277 -17.25 10.72 4.34
N CYS A 278 -16.98 10.13 3.17
CA CYS A 278 -16.49 8.75 3.13
C CYS A 278 -15.12 8.63 3.79
N PHE A 279 -14.26 9.64 3.60
CA PHE A 279 -12.96 9.62 4.27
C PHE A 279 -13.13 9.66 5.78
N ILE A 280 -14.03 10.51 6.27
CA ILE A 280 -14.26 10.58 7.72
C ILE A 280 -14.75 9.24 8.24
N ALA A 281 -15.73 8.65 7.54
CA ALA A 281 -16.28 7.37 7.97
C ALA A 281 -15.21 6.29 7.96
N TYR A 282 -14.41 6.23 6.90
CA TYR A 282 -13.36 5.20 6.80
C TYR A 282 -12.32 5.38 7.88
N PHE A 283 -11.89 6.64 8.12
CA PHE A 283 -10.91 6.89 9.18
C PHE A 283 -11.44 6.43 10.52
N GLY A 284 -12.66 6.85 10.87
CA GLY A 284 -13.23 6.46 12.14
C GLY A 284 -13.37 4.96 12.29
N VAL A 285 -13.89 4.30 11.25
CA VAL A 285 -14.16 2.87 11.34
C VAL A 285 -12.87 2.08 11.39
N SER A 286 -11.87 2.46 10.60
CA SER A 286 -10.58 1.76 10.64
C SER A 286 -9.89 1.96 11.98
N ALA A 287 -9.94 3.18 12.52
CA ALA A 287 -9.36 3.41 13.85
C ALA A 287 -10.06 2.56 14.89
N ALA A 288 -11.39 2.48 14.82
CA ALA A 288 -12.14 1.64 15.76
C ALA A 288 -11.73 0.17 15.61
N LEU A 289 -11.63 -0.30 14.37
CA LEU A 289 -11.31 -1.71 14.14
C LEU A 289 -9.92 -2.04 14.67
N THR A 290 -8.95 -1.15 14.44
CA THR A 290 -7.58 -1.41 14.88
C THR A 290 -7.37 -1.12 16.37
N LEU A 291 -8.29 -0.39 17.02
CA LEU A 291 -8.19 -0.15 18.44
C LEU A 291 -8.90 -1.20 19.27
N MET A 292 -10.00 -1.76 18.76
CA MET A 292 -10.71 -2.80 19.50
C MET A 292 -9.92 -4.12 19.50
N MET A 293 -9.31 -4.46 18.37
CA MET A 293 -8.66 -5.73 18.19
C MET A 293 -7.29 -5.51 17.56
N PRO A 294 -6.29 -6.33 17.89
CA PRO A 294 -4.99 -6.21 17.23
C PRO A 294 -5.10 -6.41 15.73
N TYR A 295 -4.26 -5.71 14.99
CA TYR A 295 -4.31 -5.78 13.53
C TYR A 295 -4.05 -7.21 13.05
N PHE A 296 -3.11 -7.91 13.66
CA PHE A 296 -2.83 -9.30 13.29
C PHE A 296 -3.87 -10.27 13.85
N CYS A 297 -4.68 -9.84 14.82
CA CYS A 297 -5.76 -10.67 15.35
C CYS A 297 -7.05 -10.53 14.57
N LEU A 298 -7.14 -9.58 13.64
CA LEU A 298 -8.39 -9.34 12.93
C LEU A 298 -8.86 -10.59 12.20
N ASP A 299 -10.15 -10.89 12.36
CA ASP A 299 -10.71 -12.07 11.71
C ASP A 299 -10.65 -11.91 10.19
N ILE A 300 -10.25 -12.99 9.51
CA ILE A 300 -10.11 -12.93 8.06
C ILE A 300 -11.47 -12.82 7.39
N ASP A 301 -12.43 -13.63 7.83
CA ASP A 301 -13.73 -13.66 7.18
C ASP A 301 -14.56 -12.43 7.50
N SER A 302 -14.58 -12.01 8.76
CA SER A 302 -15.42 -10.90 9.22
C SER A 302 -14.64 -10.07 10.23
N PRO A 303 -13.90 -9.07 9.77
CA PRO A 303 -13.04 -8.30 10.69
C PRO A 303 -13.82 -7.51 11.73
N LEU A 304 -14.87 -6.80 11.31
CA LEU A 304 -15.62 -5.98 12.27
C LEU A 304 -16.41 -6.84 13.24
N PRO A 305 -17.21 -7.81 12.80
CA PRO A 305 -17.86 -8.70 13.78
C PRO A 305 -16.86 -9.44 14.65
N GLY A 306 -15.71 -9.84 14.10
CA GLY A 306 -14.70 -10.50 14.90
C GLY A 306 -14.16 -9.58 16.00
N ALA A 307 -13.89 -8.32 15.65
CA ALA A 307 -13.41 -7.37 16.65
C ALA A 307 -14.47 -7.13 17.72
N PHE A 308 -15.74 -7.01 17.31
CA PHE A 308 -16.81 -6.83 18.29
C PHE A 308 -16.91 -8.03 19.23
N LYS A 309 -16.78 -9.24 18.67
CA LYS A 309 -16.79 -10.43 19.51
C LYS A 309 -15.60 -10.44 20.47
N HIS A 310 -14.43 -9.99 20.00
CA HIS A 310 -13.25 -9.96 20.84
C HIS A 310 -13.46 -9.06 22.06
N GLN A 311 -14.17 -7.95 21.87
CA GLN A 311 -14.42 -7.01 22.96
C GLN A 311 -15.60 -7.41 23.84
N GLY A 312 -16.25 -8.53 23.54
CA GLY A 312 -17.37 -9.00 24.33
C GLY A 312 -18.73 -8.58 23.82
N TRP A 313 -18.79 -7.67 22.84
CA TRP A 313 -20.06 -7.25 22.25
C TRP A 313 -20.40 -8.14 21.05
N GLU A 314 -20.60 -9.44 21.36
CA GLU A 314 -20.85 -10.42 20.31
C GLU A 314 -22.13 -10.09 19.56
N GLU A 315 -23.20 -9.74 20.28
CA GLU A 315 -24.48 -9.48 19.64
C GLU A 315 -24.37 -8.36 18.61
N ALA A 316 -23.40 -7.45 18.78
CA ALA A 316 -23.24 -6.36 17.84
C ALA A 316 -23.00 -6.86 16.42
N LYS A 317 -22.51 -8.09 16.27
CA LYS A 317 -22.33 -8.66 14.93
C LYS A 317 -23.61 -8.57 14.13
N TYR A 318 -24.77 -8.73 14.79
CA TYR A 318 -26.03 -8.58 14.09
C TYR A 318 -26.19 -7.17 13.54
N ALA A 319 -25.98 -6.16 14.39
CA ALA A 319 -26.13 -4.78 13.94
C ALA A 319 -25.25 -4.50 12.73
N VAL A 320 -23.96 -4.81 12.84
CA VAL A 320 -23.08 -4.67 11.68
C VAL A 320 -23.60 -5.50 10.53
N ALA A 321 -24.01 -6.74 10.82
CA ALA A 321 -24.54 -7.61 9.76
C ALA A 321 -25.68 -6.94 9.02
N ILE A 322 -26.45 -6.09 9.70
CA ILE A 322 -27.46 -5.29 9.01
C ILE A 322 -26.77 -4.23 8.15
N GLY A 323 -25.99 -3.35 8.79
CA GLY A 323 -25.45 -2.22 8.08
C GLY A 323 -24.67 -2.62 6.85
N SER A 324 -23.75 -3.57 7.01
CA SER A 324 -23.01 -4.06 5.85
C SER A 324 -23.95 -4.52 4.76
N LEU A 325 -24.89 -5.41 5.10
CA LEU A 325 -25.81 -5.94 4.11
C LEU A 325 -26.64 -4.83 3.47
N CYS A 326 -26.77 -3.68 4.14
CA CYS A 326 -27.36 -2.51 3.50
C CYS A 326 -26.37 -1.85 2.56
N ALA A 327 -25.20 -1.46 3.10
CA ALA A 327 -24.22 -0.76 2.28
C ALA A 327 -23.83 -1.58 1.07
N LEU A 328 -23.45 -2.84 1.29
CA LEU A 328 -23.03 -3.70 0.19
C LEU A 328 -24.13 -3.83 -0.85
N SER A 329 -25.40 -3.65 -0.45
CA SER A 329 -26.47 -3.61 -1.43
C SER A 329 -26.42 -2.32 -2.24
N THR A 330 -26.45 -1.18 -1.55
CA THR A 330 -26.45 0.10 -2.25
C THR A 330 -25.20 0.24 -3.11
N SER A 331 -24.05 -0.19 -2.59
CA SER A 331 -22.84 -0.19 -3.39
C SER A 331 -22.99 -1.07 -4.63
N LEU A 332 -23.55 -2.27 -4.45
CA LEU A 332 -23.61 -3.22 -5.56
C LEU A 332 -24.38 -2.62 -6.74
N LEU A 333 -25.62 -2.16 -6.47
CA LEU A 333 -26.39 -1.52 -7.53
C LEU A 333 -25.63 -0.32 -8.10
N GLY A 334 -24.89 0.40 -7.25
CA GLY A 334 -24.15 1.54 -7.74
C GLY A 334 -23.22 1.19 -8.89
N SER A 335 -22.74 -0.05 -8.93
CA SER A 335 -21.93 -0.52 -10.05
C SER A 335 -22.76 -1.18 -11.14
N MET A 336 -23.88 -1.80 -10.77
CA MET A 336 -24.65 -2.56 -11.75
C MET A 336 -25.48 -1.67 -12.66
N PHE A 337 -25.98 -0.53 -12.16
CA PHE A 337 -26.81 0.32 -13.00
C PHE A 337 -26.01 1.01 -14.08
N PRO A 338 -24.89 1.69 -13.80
CA PRO A 338 -24.11 2.29 -14.89
C PRO A 338 -23.51 1.28 -15.84
N MET A 339 -23.28 0.04 -15.38
CA MET A 339 -22.46 -0.90 -16.12
C MET A 339 -22.92 -1.09 -17.57
N PRO A 340 -24.21 -1.26 -17.87
CA PRO A 340 -24.61 -1.42 -19.28
C PRO A 340 -24.58 -0.09 -20.02
N ARG A 341 -24.94 0.99 -19.32
CA ARG A 341 -25.12 2.28 -19.98
C ARG A 341 -23.89 2.64 -20.80
N VAL A 342 -22.71 2.63 -20.17
CA VAL A 342 -21.49 2.97 -20.88
C VAL A 342 -21.35 2.09 -22.11
N ILE A 343 -21.53 0.78 -21.94
CA ILE A 343 -21.42 -0.13 -23.09
C ILE A 343 -22.39 0.33 -24.17
N TYR A 344 -23.64 0.58 -23.80
CA TYR A 344 -24.62 1.06 -24.76
C TYR A 344 -24.09 2.29 -25.47
N ALA A 345 -23.60 3.26 -24.70
CA ALA A 345 -23.00 4.44 -25.31
C ALA A 345 -21.89 4.04 -26.28
N MET A 346 -20.94 3.23 -25.80
CA MET A 346 -19.86 2.79 -26.67
C MET A 346 -20.41 1.94 -27.82
N ALA A 347 -21.54 1.28 -27.61
CA ALA A 347 -22.18 0.55 -28.69
C ALA A 347 -22.92 1.50 -29.63
N GLU A 348 -23.51 2.57 -29.07
CA GLU A 348 -24.25 3.51 -29.91
C GLU A 348 -23.33 4.39 -30.74
N ASP A 349 -22.12 4.65 -30.24
CA ASP A 349 -21.14 5.43 -30.98
C ASP A 349 -20.36 4.60 -31.99
N GLY A 350 -20.60 3.29 -32.04
CA GLY A 350 -19.94 2.42 -32.98
C GLY A 350 -18.58 1.90 -32.55
N LEU A 351 -18.08 2.35 -31.40
CA LEU A 351 -16.79 1.86 -30.93
C LEU A 351 -16.86 0.39 -30.56
N LEU A 352 -17.95 -0.03 -29.94
CA LEU A 352 -18.21 -1.43 -29.64
C LEU A 352 -19.19 -2.01 -30.63
N PHE A 353 -19.46 -3.31 -30.50
CA PHE A 353 -20.34 -3.99 -31.44
C PHE A 353 -21.74 -3.39 -31.39
N LYS A 354 -22.36 -3.26 -32.56
CA LYS A 354 -23.66 -2.60 -32.64
C LYS A 354 -24.75 -3.39 -31.95
N PHE A 355 -24.62 -4.72 -31.86
CA PHE A 355 -25.66 -5.52 -31.21
C PHE A 355 -25.79 -5.18 -29.73
N LEU A 356 -24.75 -4.60 -29.13
CA LEU A 356 -24.84 -4.16 -27.74
C LEU A 356 -25.69 -2.91 -27.59
N ALA A 357 -25.87 -2.13 -28.66
CA ALA A 357 -26.71 -0.94 -28.62
C ALA A 357 -28.18 -1.24 -28.84
N LYS A 358 -28.52 -2.48 -29.18
CA LYS A 358 -29.92 -2.82 -29.44
C LYS A 358 -30.76 -2.68 -28.18
N ILE A 359 -31.93 -2.07 -28.34
CA ILE A 359 -32.86 -1.81 -27.25
C ILE A 359 -34.09 -2.67 -27.45
N ASN A 360 -34.52 -3.35 -26.39
CA ASN A 360 -35.67 -4.23 -26.48
C ASN A 360 -36.97 -3.44 -26.48
N ASN A 361 -37.89 -3.80 -27.38
CA ASN A 361 -39.16 -3.10 -27.47
C ASN A 361 -39.97 -3.27 -26.18
N ARG A 362 -40.00 -4.47 -25.63
CA ARG A 362 -40.82 -4.72 -24.44
C ARG A 362 -40.29 -3.96 -23.23
N THR A 363 -38.98 -4.07 -22.98
CA THR A 363 -38.38 -3.44 -21.81
C THR A 363 -37.91 -2.03 -22.07
N LYS A 364 -37.61 -1.67 -23.31
CA LYS A 364 -37.06 -0.36 -23.65
C LYS A 364 -35.72 -0.11 -22.96
N THR A 365 -34.94 -1.17 -22.79
CA THR A 365 -33.64 -1.12 -22.15
C THR A 365 -32.63 -1.90 -23.00
N PRO A 366 -31.34 -1.59 -22.85
CA PRO A 366 -30.33 -2.36 -23.59
C PRO A 366 -30.16 -3.75 -23.01
N VAL A 367 -31.06 -4.66 -23.38
CA VAL A 367 -31.09 -5.98 -22.76
C VAL A 367 -29.80 -6.74 -23.06
N ILE A 368 -29.33 -6.70 -24.31
CA ILE A 368 -28.16 -7.49 -24.68
C ILE A 368 -26.94 -7.00 -23.92
N ALA A 369 -26.74 -5.68 -23.85
CA ALA A 369 -25.59 -5.14 -23.14
C ALA A 369 -25.65 -5.47 -21.66
N THR A 370 -26.83 -5.33 -21.04
CA THR A 370 -26.96 -5.66 -19.63
C THR A 370 -26.66 -7.13 -19.37
N VAL A 371 -27.19 -8.02 -20.23
CA VAL A 371 -26.97 -9.44 -20.04
C VAL A 371 -25.50 -9.78 -20.20
N THR A 372 -24.84 -9.21 -21.22
CA THR A 372 -23.43 -9.51 -21.44
C THR A 372 -22.59 -9.02 -20.27
N SER A 373 -22.82 -7.78 -19.83
CA SER A 373 -22.04 -7.24 -18.72
C SER A 373 -22.29 -8.05 -17.45
N GLY A 374 -23.54 -8.42 -17.20
CA GLY A 374 -23.84 -9.22 -16.02
C GLY A 374 -23.19 -10.59 -16.07
N ALA A 375 -23.20 -11.23 -17.24
CA ALA A 375 -22.54 -12.52 -17.36
C ALA A 375 -21.04 -12.41 -17.14
N ILE A 376 -20.42 -11.35 -17.69
CA ILE A 376 -18.98 -11.16 -17.49
C ILE A 376 -18.69 -10.94 -16.02
N ALA A 377 -19.48 -10.09 -15.36
CA ALA A 377 -19.26 -9.83 -13.94
C ALA A 377 -19.46 -11.10 -13.12
N ALA A 378 -20.49 -11.88 -13.46
CA ALA A 378 -20.72 -13.14 -12.74
C ALA A 378 -19.56 -14.10 -12.92
N VAL A 379 -18.98 -14.16 -14.13
CA VAL A 379 -17.85 -15.05 -14.35
C VAL A 379 -16.63 -14.59 -13.56
N MET A 380 -16.34 -13.28 -13.60
CA MET A 380 -15.21 -12.75 -12.84
C MET A 380 -15.39 -13.02 -11.35
N ALA A 381 -16.62 -12.87 -10.84
CA ALA A 381 -16.89 -13.20 -9.45
C ALA A 381 -16.73 -14.70 -9.18
N PHE A 382 -17.12 -15.54 -10.14
CA PHE A 382 -17.02 -16.99 -9.94
C PHE A 382 -15.57 -17.44 -9.86
N LEU A 383 -14.69 -16.78 -10.62
CA LEU A 383 -13.35 -17.31 -10.79
C LEU A 383 -12.31 -16.69 -9.86
N PHE A 384 -12.44 -15.40 -9.52
CA PHE A 384 -11.36 -14.66 -8.87
C PHE A 384 -11.72 -14.25 -7.45
N GLU A 385 -10.69 -14.12 -6.62
CA GLU A 385 -10.87 -13.73 -5.22
C GLU A 385 -11.27 -12.26 -5.11
N LEU A 386 -11.76 -11.90 -3.93
CA LEU A 386 -12.21 -10.53 -3.70
C LEU A 386 -11.07 -9.53 -3.88
N LYS A 387 -9.90 -9.85 -3.34
CA LYS A 387 -8.77 -8.91 -3.43
C LYS A 387 -8.29 -8.76 -4.87
N ASP A 388 -8.28 -9.84 -5.64
CA ASP A 388 -7.86 -9.75 -7.04
C ASP A 388 -8.79 -8.85 -7.83
N LEU A 389 -10.10 -9.04 -7.68
CA LEU A 389 -11.06 -8.17 -8.33
C LEU A 389 -10.90 -6.73 -7.87
N VAL A 390 -10.68 -6.54 -6.56
CA VAL A 390 -10.51 -5.19 -6.02
C VAL A 390 -9.32 -4.51 -6.69
N ASP A 391 -8.20 -5.21 -6.80
CA ASP A 391 -7.00 -4.62 -7.38
C ASP A 391 -7.18 -4.36 -8.87
N LEU A 392 -7.86 -5.27 -9.58
CA LEU A 392 -8.11 -5.04 -11.00
C LEU A 392 -8.96 -3.79 -11.21
N MET A 393 -10.04 -3.65 -10.43
CA MET A 393 -10.87 -2.46 -10.55
C MET A 393 -10.08 -1.22 -10.15
N SER A 394 -9.21 -1.35 -9.14
CA SER A 394 -8.44 -0.20 -8.69
C SER A 394 -7.49 0.28 -9.80
N ILE A 395 -6.82 -0.66 -10.48
CA ILE A 395 -5.91 -0.25 -11.55
C ILE A 395 -6.69 0.37 -12.70
N GLY A 396 -7.82 -0.23 -13.08
CA GLY A 396 -8.61 0.35 -14.14
C GLY A 396 -9.10 1.75 -13.80
N THR A 397 -9.63 1.92 -12.60
CA THR A 397 -10.15 3.21 -12.17
C THR A 397 -9.03 4.24 -12.06
N LEU A 398 -7.85 3.84 -11.58
CA LEU A 398 -6.73 4.76 -11.50
C LEU A 398 -6.30 5.21 -12.88
N LEU A 399 -6.25 4.29 -13.85
CA LEU A 399 -5.91 4.69 -15.21
C LEU A 399 -6.94 5.66 -15.76
N ALA A 400 -8.23 5.39 -15.53
CA ALA A 400 -9.26 6.31 -16.01
C ALA A 400 -9.11 7.69 -15.38
N TYR A 401 -8.86 7.74 -14.08
CA TYR A 401 -8.70 9.01 -13.38
C TYR A 401 -7.49 9.78 -13.92
N SER A 402 -6.38 9.07 -14.14
CA SER A 402 -5.20 9.72 -14.69
C SER A 402 -5.46 10.24 -16.10
N LEU A 403 -6.19 9.46 -16.90
CA LEU A 403 -6.51 9.91 -18.25
C LEU A 403 -7.36 11.18 -18.21
N VAL A 404 -8.34 11.24 -17.31
CA VAL A 404 -9.18 12.43 -17.23
C VAL A 404 -8.39 13.62 -16.73
N ALA A 405 -7.48 13.41 -15.78
CA ALA A 405 -6.64 14.50 -15.31
C ALA A 405 -5.76 15.04 -16.43
N ALA A 406 -5.17 14.15 -17.22
CA ALA A 406 -4.39 14.58 -18.38
C ALA A 406 -5.28 15.31 -19.39
N CYS A 407 -6.52 14.85 -19.56
CA CYS A 407 -7.45 15.53 -20.45
C CYS A 407 -7.69 16.96 -19.99
N VAL A 408 -7.93 17.17 -18.70
CA VAL A 408 -8.14 18.51 -18.18
C VAL A 408 -6.89 19.35 -18.41
N LEU A 409 -5.72 18.80 -18.08
CA LEU A 409 -4.47 19.55 -18.21
C LEU A 409 -4.26 19.99 -19.66
N VAL A 410 -4.47 19.09 -20.61
CA VAL A 410 -4.27 19.42 -22.01
C VAL A 410 -5.31 20.45 -22.47
N LEU A 411 -6.58 20.18 -22.17
CA LEU A 411 -7.65 21.03 -22.71
C LEU A 411 -7.60 22.44 -22.15
N ARG A 412 -7.05 22.62 -20.94
CA ARG A 412 -6.99 23.96 -20.38
C ARG A 412 -6.22 24.93 -21.26
N TYR A 413 -5.31 24.43 -22.10
CA TYR A 413 -4.47 25.28 -22.93
C TYR A 413 -4.78 25.20 -24.43
N GLN A 414 -5.67 24.31 -24.84
CA GLN A 414 -5.95 24.18 -26.26
C GLN A 414 -6.79 25.36 -26.75
N PRO A 415 -6.54 25.85 -27.97
CA PRO A 415 -7.44 26.86 -28.53
C PRO A 415 -8.80 26.27 -28.87
N GLU A 416 -9.81 27.13 -28.89
CA GLU A 416 -11.17 26.68 -29.18
C GLU A 416 -11.22 26.02 -30.56
N GLN A 417 -11.61 24.75 -30.58
CA GLN A 417 -11.68 24.00 -31.82
C GLN A 417 -12.86 24.47 -32.67
N PRO A 418 -12.84 24.18 -33.99
CA PRO A 418 -13.93 24.58 -34.87
C PRO A 418 -15.30 24.11 -34.39
N GLU A 454 6.52 18.62 -34.86
CA GLU A 454 6.42 19.65 -35.89
C GLU A 454 7.44 20.75 -35.66
N LYS A 455 7.48 21.72 -36.58
CA LYS A 455 8.43 22.82 -36.46
C LYS A 455 8.11 23.66 -35.24
N PHE A 456 9.15 24.17 -34.59
CA PHE A 456 8.98 24.98 -33.39
C PHE A 456 10.23 25.83 -33.19
N SER A 457 10.09 26.85 -32.35
CA SER A 457 11.18 27.75 -32.01
C SER A 457 11.34 27.81 -30.49
N LEU A 458 12.59 27.82 -30.04
CA LEU A 458 12.86 27.78 -28.60
C LEU A 458 12.28 29.00 -27.89
N LYS A 459 12.39 30.17 -28.51
CA LYS A 459 11.89 31.39 -27.88
C LYS A 459 10.37 31.31 -27.68
N SER A 460 9.65 30.82 -28.69
CA SER A 460 8.20 30.71 -28.56
C SER A 460 7.80 29.65 -27.54
N ILE A 461 8.61 28.61 -27.39
CA ILE A 461 8.30 27.56 -26.42
C ILE A 461 8.53 28.06 -24.99
N LEU A 462 9.70 28.61 -24.72
CA LEU A 462 10.04 29.00 -23.35
C LEU A 462 9.30 30.26 -22.93
N SER A 463 9.22 31.26 -23.80
CA SER A 463 8.68 32.58 -23.45
C SER A 463 7.68 33.02 -24.51
N PRO A 464 6.52 32.38 -24.59
CA PRO A 464 5.46 32.89 -25.47
C PRO A 464 4.92 34.22 -24.99
N LYS A 465 4.46 35.03 -25.95
CA LYS A 465 3.92 36.34 -25.64
C LYS A 465 2.46 36.52 -26.05
N ASN A 466 1.88 35.56 -26.78
CA ASN A 466 0.46 35.64 -27.10
C ASN A 466 -0.37 35.54 -25.84
N VAL A 467 -1.44 36.34 -25.77
CA VAL A 467 -2.28 36.38 -24.58
C VAL A 467 -3.28 35.23 -24.54
N GLU A 468 -3.61 34.65 -25.69
CA GLU A 468 -4.53 33.52 -25.75
C GLU A 468 -3.89 32.39 -26.52
N PRO A 469 -4.30 31.14 -26.26
CA PRO A 469 -3.64 30.00 -26.90
C PRO A 469 -3.78 30.02 -28.41
N SER A 470 -2.73 29.57 -29.08
CA SER A 470 -2.75 29.30 -30.51
C SER A 470 -2.56 27.81 -30.74
N LYS A 471 -2.68 27.39 -32.00
CA LYS A 471 -2.45 25.99 -32.32
C LYS A 471 -1.04 25.58 -31.93
N PHE A 472 -0.06 26.48 -32.08
CA PHE A 472 1.29 26.17 -31.64
C PHE A 472 1.33 25.91 -30.14
N SER A 473 0.66 26.75 -29.35
CA SER A 473 0.65 26.54 -27.91
C SER A 473 -0.03 25.23 -27.56
N GLY A 474 -1.12 24.89 -28.24
CA GLY A 474 -1.78 23.62 -28.00
C GLY A 474 -0.88 22.44 -28.30
N LEU A 475 -0.13 22.50 -29.42
CA LEU A 475 0.79 21.43 -29.75
C LEU A 475 1.90 21.32 -28.70
N ILE A 476 2.44 22.45 -28.26
CA ILE A 476 3.47 22.41 -27.23
C ILE A 476 2.91 21.77 -25.97
N VAL A 477 1.69 22.12 -25.58
CA VAL A 477 1.12 21.58 -24.34
C VAL A 477 0.84 20.09 -24.49
N ASN A 478 0.39 19.65 -25.66
CA ASN A 478 0.17 18.22 -25.87
C ASN A 478 1.48 17.44 -25.78
N ILE A 479 2.52 17.94 -26.45
CA ILE A 479 3.82 17.27 -26.41
C ILE A 479 4.35 17.26 -24.98
N SER A 480 4.20 18.37 -24.26
CA SER A 480 4.65 18.44 -22.88
C SER A 480 3.89 17.46 -22.00
N ALA A 481 2.58 17.32 -22.22
CA ALA A 481 1.80 16.37 -21.45
C ALA A 481 2.26 14.94 -21.70
N GLY A 482 2.51 14.59 -22.97
CA GLY A 482 3.00 13.26 -23.27
C GLY A 482 4.35 12.99 -22.62
N LEU A 483 5.29 13.94 -22.76
CA LEU A 483 6.60 13.78 -22.15
C LEU A 483 6.49 13.68 -20.63
N LEU A 484 5.63 14.50 -20.02
CA LEU A 484 5.47 14.47 -18.58
C LEU A 484 4.87 13.15 -18.11
N ALA A 485 3.90 12.61 -18.86
CA ALA A 485 3.36 11.31 -18.51
C ALA A 485 4.43 10.23 -18.58
N ALA A 486 5.24 10.25 -19.65
CA ALA A 486 6.30 9.25 -19.75
C ALA A 486 7.31 9.40 -18.61
N LEU A 487 7.69 10.63 -18.28
CA LEU A 487 8.66 10.84 -17.22
C LEU A 487 8.10 10.46 -15.85
N ILE A 488 6.80 10.71 -15.64
CA ILE A 488 6.17 10.31 -14.38
C ILE A 488 6.12 8.79 -14.28
N ILE A 489 5.83 8.11 -15.39
CA ILE A 489 5.87 6.66 -15.39
C ILE A 489 7.28 6.17 -15.03
N THR A 490 8.30 6.81 -15.62
CA THR A 490 9.67 6.44 -15.29
C THR A 490 9.97 6.65 -13.81
N VAL A 491 9.55 7.79 -13.27
CA VAL A 491 9.81 8.09 -11.85
C VAL A 491 9.15 7.05 -10.96
N CYS A 492 7.88 6.72 -11.25
CA CYS A 492 7.18 5.74 -10.45
C CYS A 492 7.82 4.36 -10.56
N ILE A 493 8.27 3.99 -11.76
CA ILE A 493 8.95 2.70 -11.93
C ILE A 493 10.22 2.66 -11.10
N VAL A 494 11.03 3.72 -11.17
CA VAL A 494 12.27 3.75 -10.41
C VAL A 494 11.96 3.83 -8.91
N ALA A 495 10.91 4.57 -8.54
CA ALA A 495 10.57 4.73 -7.13
C ALA A 495 9.99 3.46 -6.50
N VAL A 496 9.65 2.45 -7.30
CA VAL A 496 9.08 1.22 -6.77
C VAL A 496 10.02 0.06 -7.07
N LEU A 497 10.27 -0.20 -8.36
CA LEU A 497 11.16 -1.29 -8.74
C LEU A 497 12.58 -1.02 -8.24
N GLY A 498 13.04 0.22 -8.34
CA GLY A 498 14.37 0.58 -7.90
C GLY A 498 14.39 1.21 -6.52
N ARG A 499 13.35 0.95 -5.73
CA ARG A 499 13.27 1.54 -4.39
C ARG A 499 14.50 1.17 -3.56
N GLU A 500 14.82 -0.11 -3.50
CA GLU A 500 16.03 -0.53 -2.78
C GLU A 500 17.29 0.02 -3.47
N ALA A 501 17.29 0.06 -4.80
CA ALA A 501 18.42 0.64 -5.51
C ALA A 501 18.59 2.11 -5.15
N LEU A 502 17.49 2.86 -5.07
CA LEU A 502 17.57 4.24 -4.61
C LEU A 502 18.11 4.31 -3.19
N ALA A 503 17.62 3.43 -2.32
CA ALA A 503 18.17 3.36 -0.96
C ALA A 503 19.64 2.96 -0.99
N GLU A 504 19.99 2.00 -1.85
CA GLU A 504 21.38 1.59 -1.97
C GLU A 504 22.26 2.69 -2.55
N GLY A 505 21.67 3.68 -3.20
CA GLY A 505 22.45 4.78 -3.75
C GLY A 505 23.23 4.47 -5.00
N THR A 506 22.84 3.43 -5.75
CA THR A 506 23.53 3.13 -6.99
C THR A 506 23.43 4.32 -7.95
N LEU A 507 24.52 4.59 -8.65
CA LEU A 507 24.63 5.84 -9.41
C LEU A 507 23.57 5.93 -10.49
N TRP A 508 23.29 4.83 -11.20
CA TRP A 508 22.34 4.88 -12.29
C TRP A 508 20.94 5.23 -11.78
N ALA A 509 20.52 4.62 -10.68
CA ALA A 509 19.17 4.84 -10.17
C ALA A 509 19.00 6.27 -9.67
N VAL A 510 19.97 6.77 -8.90
CA VAL A 510 19.87 8.13 -8.39
C VAL A 510 19.93 9.13 -9.53
N PHE A 511 20.79 8.89 -10.52
CA PHE A 511 20.87 9.79 -11.67
C PHE A 511 19.54 9.83 -12.41
N VAL A 512 18.96 8.66 -12.68
CA VAL A 512 17.69 8.61 -13.38
C VAL A 512 16.60 9.32 -12.59
N MET A 513 16.54 9.07 -11.28
CA MET A 513 15.52 9.70 -10.45
C MET A 513 15.66 11.22 -10.48
N THR A 514 16.87 11.72 -10.24
CA THR A 514 17.08 13.17 -10.19
C THR A 514 16.77 13.80 -11.55
N GLY A 515 17.28 13.20 -12.62
CA GLY A 515 17.01 13.75 -13.95
C GLY A 515 15.54 13.74 -14.29
N SER A 516 14.85 12.65 -13.98
CA SER A 516 13.43 12.56 -14.28
C SER A 516 12.63 13.59 -13.50
N VAL A 517 12.94 13.77 -12.21
CA VAL A 517 12.20 14.74 -11.41
C VAL A 517 12.48 16.15 -11.92
N LEU A 518 13.74 16.48 -12.18
CA LEU A 518 14.06 17.81 -12.67
C LEU A 518 13.42 18.08 -14.03
N LEU A 519 13.41 17.08 -14.90
CA LEU A 519 12.78 17.27 -16.21
C LEU A 519 11.26 17.35 -16.10
N CYS A 520 10.67 16.63 -15.14
CA CYS A 520 9.24 16.79 -14.88
C CYS A 520 8.93 18.21 -14.45
N MET A 521 9.75 18.76 -13.54
CA MET A 521 9.56 20.15 -13.14
C MET A 521 9.74 21.10 -14.32
N LEU A 522 10.74 20.84 -15.17
CA LEU A 522 10.97 21.69 -16.33
C LEU A 522 9.78 21.67 -17.27
N VAL A 523 9.25 20.48 -17.55
CA VAL A 523 8.12 20.36 -18.47
C VAL A 523 6.87 20.98 -17.86
N THR A 524 6.68 20.82 -16.55
CA THR A 524 5.55 21.48 -15.89
C THR A 524 5.69 22.99 -15.98
N GLY A 525 6.91 23.50 -15.90
CA GLY A 525 7.13 24.93 -16.11
C GLY A 525 6.81 25.36 -17.53
N ILE A 526 7.27 24.58 -18.51
CA ILE A 526 6.94 24.88 -19.91
C ILE A 526 5.44 24.97 -20.08
N ILE A 527 4.70 24.04 -19.48
CA ILE A 527 3.24 24.10 -19.53
C ILE A 527 2.74 25.34 -18.80
N TRP A 528 3.41 25.71 -17.69
CA TRP A 528 3.05 26.93 -16.98
C TRP A 528 3.13 28.16 -17.88
N ARG A 529 4.21 28.27 -18.65
CA ARG A 529 4.44 29.48 -19.43
C ARG A 529 3.40 29.66 -20.52
N GLN A 530 2.83 28.57 -21.02
CA GLN A 530 1.84 28.68 -22.08
C GLN A 530 0.58 29.35 -21.53
N PRO A 531 -0.09 30.17 -22.33
CA PRO A 531 -1.32 30.81 -21.86
C PRO A 531 -2.48 29.82 -21.77
N GLU A 532 -3.33 30.04 -20.78
CA GLU A 532 -4.53 29.23 -20.60
C GLU A 532 -5.66 29.79 -21.45
N SER A 533 -6.56 28.90 -21.87
CA SER A 533 -7.72 29.34 -22.64
C SER A 533 -8.60 30.25 -21.79
N LYS A 534 -9.00 31.38 -22.35
CA LYS A 534 -9.82 32.35 -21.64
C LYS A 534 -11.28 31.95 -21.56
N THR A 535 -11.68 30.87 -22.22
CA THR A 535 -13.06 30.42 -22.18
C THR A 535 -13.50 30.21 -20.74
N LYS A 536 -14.61 30.84 -20.38
CA LYS A 536 -15.11 30.75 -19.01
C LYS A 536 -15.62 29.34 -18.73
N LEU A 537 -15.32 28.85 -17.53
CA LEU A 537 -15.77 27.54 -17.07
C LEU A 537 -16.50 27.70 -15.74
N SER A 538 -17.56 26.93 -15.55
CA SER A 538 -18.32 27.01 -14.32
C SER A 538 -17.45 26.67 -13.11
N PHE A 539 -16.63 25.63 -13.23
CA PHE A 539 -15.70 25.25 -12.17
C PHE A 539 -14.36 24.94 -12.82
N LYS A 540 -13.28 25.27 -12.10
CA LYS A 540 -11.93 25.08 -12.58
C LYS A 540 -11.08 24.42 -11.50
N VAL A 541 -10.09 23.65 -11.94
CA VAL A 541 -9.09 23.13 -11.01
C VAL A 541 -8.25 24.29 -10.49
N PRO A 542 -8.10 24.46 -9.17
CA PRO A 542 -7.41 25.66 -8.67
C PRO A 542 -6.00 25.83 -9.21
N PHE A 543 -5.27 24.73 -9.38
CA PHE A 543 -3.87 24.74 -9.75
C PHE A 543 -3.64 23.85 -10.97
N VAL A 544 -4.45 24.06 -12.00
CA VAL A 544 -4.52 23.21 -13.18
C VAL A 544 -3.16 22.88 -13.78
N PRO A 545 -2.09 23.68 -13.62
CA PRO A 545 -0.82 23.26 -14.22
C PRO A 545 -0.02 22.35 -13.29
N VAL A 546 -0.35 22.34 -11.99
CA VAL A 546 0.33 21.50 -11.01
C VAL A 546 -0.60 20.41 -10.48
N LEU A 547 -1.83 20.77 -10.12
CA LEU A 547 -2.71 19.80 -9.47
C LEU A 547 -2.99 18.59 -10.35
N PRO A 548 -3.34 18.73 -11.64
CA PRO A 548 -3.53 17.53 -12.46
C PRO A 548 -2.26 16.71 -12.61
N VAL A 549 -1.09 17.36 -12.67
CA VAL A 549 0.16 16.63 -12.73
C VAL A 549 0.36 15.81 -11.47
N LEU A 550 0.10 16.42 -10.31
CA LEU A 550 0.20 15.68 -9.06
C LEU A 550 -0.79 14.53 -9.00
N SER A 551 -2.02 14.76 -9.50
CA SER A 551 -3.02 13.70 -9.54
C SER A 551 -2.54 12.53 -10.40
N ILE A 552 -2.00 12.83 -11.58
CA ILE A 552 -1.49 11.78 -12.45
C ILE A 552 -0.36 11.03 -11.77
N PHE A 553 0.56 11.76 -11.14
CA PHE A 553 1.68 11.12 -10.47
C PHE A 553 1.21 10.20 -9.35
N VAL A 554 0.27 10.68 -8.52
CA VAL A 554 -0.23 9.87 -7.42
C VAL A 554 -0.95 8.64 -7.94
N ASN A 555 -1.78 8.81 -8.96
CA ASN A 555 -2.52 7.68 -9.51
C ASN A 555 -1.58 6.62 -10.07
N ILE A 556 -0.57 7.05 -10.83
CA ILE A 556 0.37 6.09 -11.41
C ILE A 556 1.18 5.41 -10.31
N TYR A 557 1.59 6.17 -9.29
CA TYR A 557 2.34 5.57 -8.19
C TYR A 557 1.51 4.53 -7.47
N LEU A 558 0.23 4.82 -7.22
CA LEU A 558 -0.64 3.83 -6.60
C LEU A 558 -0.81 2.61 -7.48
N MET A 559 -0.92 2.83 -8.80
CA MET A 559 -1.00 1.70 -9.72
C MET A 559 0.24 0.81 -9.61
N MET A 560 1.42 1.43 -9.45
CA MET A 560 2.64 0.64 -9.32
C MET A 560 2.62 -0.23 -8.06
N GLN A 561 1.93 0.22 -7.01
CA GLN A 561 1.89 -0.55 -5.78
C GLN A 561 1.17 -1.89 -5.95
N LEU A 562 0.35 -2.03 -6.99
CA LEU A 562 -0.42 -3.25 -7.17
C LEU A 562 0.48 -4.39 -7.64
N ASP A 563 0.03 -5.61 -7.36
CA ASP A 563 0.86 -6.79 -7.62
C ASP A 563 0.94 -7.09 -9.12
N GLN A 564 1.82 -8.04 -9.46
CA GLN A 564 2.05 -8.38 -10.86
C GLN A 564 0.82 -9.01 -11.49
N GLY A 565 0.08 -9.82 -10.73
CA GLY A 565 -1.10 -10.46 -11.29
C GLY A 565 -2.14 -9.45 -11.74
N THR A 566 -2.36 -8.41 -10.93
CA THR A 566 -3.29 -7.35 -11.32
C THR A 566 -2.84 -6.67 -12.60
N TRP A 567 -1.54 -6.39 -12.71
CA TRP A 567 -1.02 -5.74 -13.91
C TRP A 567 -1.19 -6.65 -15.13
N VAL A 568 -0.97 -7.96 -14.97
CA VAL A 568 -1.13 -8.88 -16.08
C VAL A 568 -2.59 -8.93 -16.54
N ARG A 569 -3.52 -9.02 -15.58
CA ARG A 569 -4.93 -9.03 -15.94
C ARG A 569 -5.32 -7.73 -16.64
N PHE A 570 -4.85 -6.60 -16.12
CA PHE A 570 -5.16 -5.32 -16.74
C PHE A 570 -4.57 -5.22 -18.14
N ALA A 571 -3.36 -5.74 -18.34
CA ALA A 571 -2.76 -5.74 -19.66
C ALA A 571 -3.56 -6.58 -20.63
N VAL A 572 -4.03 -7.75 -20.18
CA VAL A 572 -4.86 -8.58 -21.06
C VAL A 572 -6.15 -7.86 -21.42
N TRP A 573 -6.77 -7.21 -20.42
CA TRP A 573 -8.01 -6.48 -20.70
C TRP A 573 -7.77 -5.35 -21.69
N MET A 574 -6.67 -4.61 -21.52
CA MET A 574 -6.37 -3.52 -22.44
C MET A 574 -6.05 -4.05 -23.83
N LEU A 575 -5.39 -5.21 -23.92
CA LEU A 575 -5.14 -5.82 -25.21
C LEU A 575 -6.43 -6.17 -25.90
N ILE A 576 -7.39 -6.75 -25.16
CA ILE A 576 -8.69 -7.05 -25.73
C ILE A 576 -9.37 -5.78 -26.21
N GLY A 577 -9.32 -4.72 -25.40
CA GLY A 577 -9.95 -3.47 -25.79
C GLY A 577 -9.34 -2.89 -27.05
N PHE A 578 -8.01 -2.89 -27.14
CA PHE A 578 -7.35 -2.37 -28.33
C PHE A 578 -7.65 -3.23 -29.55
N THR A 579 -7.71 -4.55 -29.38
CA THR A 579 -8.09 -5.42 -30.49
C THR A 579 -9.48 -5.07 -30.99
N ILE A 580 -10.43 -4.89 -30.08
CA ILE A 580 -11.79 -4.53 -30.49
C ILE A 580 -11.79 -3.18 -31.20
N TYR A 581 -11.06 -2.21 -30.65
CA TYR A 581 -11.05 -0.87 -31.23
C TYR A 581 -10.47 -0.87 -32.63
N PHE A 582 -9.29 -1.44 -32.81
CA PHE A 582 -8.60 -1.38 -34.09
C PHE A 582 -9.14 -2.39 -35.10
N GLY A 583 -9.93 -3.37 -34.64
CA GLY A 583 -10.54 -4.31 -35.56
C GLY A 583 -11.95 -3.92 -35.92
N TYR A 584 -12.65 -3.29 -34.99
CA TYR A 584 -14.06 -2.91 -35.18
C TYR A 584 -14.34 -1.45 -34.87
N GLY A 585 -13.66 -0.89 -33.87
CA GLY A 585 -14.02 0.46 -33.44
C GLY A 585 -13.80 1.51 -34.50
N ILE A 586 -12.64 1.48 -35.15
CA ILE A 586 -12.30 2.51 -36.13
C ILE A 586 -13.26 2.46 -37.31
N TRP A 587 -13.51 1.26 -37.83
CA TRP A 587 -14.23 1.15 -39.10
C TRP A 587 -15.73 1.37 -38.92
N HIS A 588 -16.30 0.93 -37.80
CA HIS A 588 -17.74 1.02 -37.57
C HIS A 588 -18.12 2.24 -36.75
N SER A 589 -17.19 3.14 -36.48
CA SER A 589 -17.50 4.36 -35.74
C SER A 589 -18.57 5.17 -36.48
N GLU A 590 -19.54 5.67 -35.72
CA GLU A 590 -20.62 6.46 -36.32
C GLU A 590 -20.09 7.76 -36.91
N GLU A 591 -18.97 8.27 -36.44
CA GLU A 591 -18.38 9.48 -36.99
C GLU A 591 -17.68 9.25 -38.32
N ALA A 592 -17.50 7.99 -38.72
CA ALA A 592 -16.85 7.68 -39.99
C ALA A 592 -17.69 8.16 -41.16
N GLN B 40 51.09 -19.63 37.77
CA GLN B 40 50.42 -20.92 37.98
C GLN B 40 49.10 -20.98 37.22
N VAL B 41 48.52 -22.18 37.17
CA VAL B 41 47.28 -22.40 36.44
C VAL B 41 46.11 -21.91 37.28
N TYR B 42 45.20 -21.17 36.64
CA TYR B 42 43.97 -20.72 37.27
C TYR B 42 42.79 -21.10 36.38
N ASN B 43 41.63 -21.19 37.00
CA ASN B 43 40.37 -21.25 36.26
C ASN B 43 40.11 -19.84 35.74
N ILE B 44 40.48 -19.60 34.47
CA ILE B 44 40.30 -18.33 33.82
C ILE B 44 38.91 -18.30 33.18
N THR B 45 38.31 -17.12 33.12
CA THR B 45 37.04 -16.93 32.45
C THR B 45 37.02 -15.56 31.78
N TRP B 46 36.68 -15.56 30.49
CA TRP B 46 36.50 -14.34 29.72
C TRP B 46 35.02 -14.01 29.66
N GLU B 47 34.66 -12.83 30.14
CA GLU B 47 33.27 -12.39 30.17
C GLU B 47 33.07 -11.23 29.21
N VAL B 48 31.99 -11.30 28.44
CA VAL B 48 31.52 -10.19 27.61
C VAL B 48 30.28 -9.61 28.27
N THR B 49 30.33 -8.31 28.55
CA THR B 49 29.31 -7.60 29.31
C THR B 49 28.61 -6.60 28.40
N ASN B 50 27.37 -6.29 28.73
CA ASN B 50 26.61 -5.28 27.99
C ASN B 50 27.13 -3.90 28.38
N GLY B 51 26.43 -2.86 27.92
CA GLY B 51 26.83 -1.51 28.26
C GLY B 51 26.82 -1.24 29.75
N ASP B 52 25.87 -1.83 30.47
CA ASP B 52 25.77 -1.68 31.91
C ASP B 52 26.78 -2.53 32.67
N ARG B 53 27.75 -3.13 31.98
CA ARG B 53 28.81 -3.94 32.58
C ARG B 53 28.27 -5.19 33.26
N GLU B 54 27.08 -5.65 32.88
CA GLU B 54 26.54 -6.91 33.37
C GLU B 54 26.94 -8.02 32.41
N THR B 55 27.43 -9.13 32.98
CA THR B 55 27.92 -10.23 32.16
C THR B 55 26.78 -10.83 31.36
N VAL B 56 26.89 -10.78 30.02
CA VAL B 56 25.92 -11.38 29.14
C VAL B 56 26.43 -12.66 28.49
N TRP B 57 27.74 -12.85 28.39
CA TRP B 57 28.29 -14.07 27.82
C TRP B 57 29.61 -14.37 28.50
N ALA B 58 30.00 -15.64 28.51
CA ALA B 58 31.24 -16.01 29.18
C ALA B 58 31.75 -17.35 28.66
N ILE B 59 33.06 -17.50 28.68
CA ILE B 59 33.73 -18.77 28.43
C ILE B 59 34.77 -18.97 29.52
N SER B 60 35.13 -20.23 29.77
CA SER B 60 36.00 -20.57 30.89
C SER B 60 36.92 -21.72 30.51
N GLY B 61 38.04 -21.81 31.23
CA GLY B 61 38.97 -22.91 31.04
C GLY B 61 40.11 -22.80 32.03
N ASN B 62 40.75 -23.93 32.27
CA ASN B 62 41.90 -24.01 33.17
C ASN B 62 43.16 -23.72 32.38
N HIS B 63 43.80 -22.59 32.66
CA HIS B 63 44.97 -22.17 31.89
C HIS B 63 45.85 -21.30 32.77
N PRO B 64 47.12 -21.13 32.42
CA PRO B 64 47.92 -20.09 33.07
C PRO B 64 47.42 -18.70 32.68
N LEU B 65 47.64 -17.75 33.58
CA LEU B 65 47.17 -16.39 33.35
C LEU B 65 47.88 -15.78 32.14
N TRP B 66 47.10 -15.08 31.31
CA TRP B 66 47.60 -14.37 30.13
C TRP B 66 48.15 -15.31 29.06
N THR B 67 47.80 -16.60 29.11
CA THR B 67 48.23 -17.56 28.11
C THR B 67 47.09 -18.10 27.27
N TRP B 68 45.83 -17.85 27.65
CA TRP B 68 44.66 -18.33 26.93
C TRP B 68 43.92 -17.13 26.37
N TRP B 69 43.76 -17.09 25.05
CA TRP B 69 43.10 -16.00 24.34
C TRP B 69 42.07 -16.58 23.37
N PRO B 70 40.98 -17.12 23.89
CA PRO B 70 39.99 -17.75 23.02
C PRO B 70 39.24 -16.73 22.18
N VAL B 71 38.64 -17.22 21.10
CA VAL B 71 37.82 -16.40 20.21
C VAL B 71 36.47 -16.22 20.88
N LEU B 72 36.28 -15.10 21.57
CA LEU B 72 34.98 -14.84 22.19
C LEU B 72 33.91 -14.75 21.11
N THR B 73 32.79 -15.45 21.33
CA THR B 73 31.70 -15.52 20.36
C THR B 73 30.38 -15.13 21.01
N PRO B 74 30.30 -13.91 21.53
CA PRO B 74 29.01 -13.42 22.05
C PRO B 74 28.07 -13.08 20.92
N ASP B 75 26.77 -13.16 21.20
CA ASP B 75 25.77 -12.76 20.23
C ASP B 75 25.59 -11.25 20.28
N LEU B 76 25.45 -10.65 19.09
CA LEU B 76 25.23 -9.21 19.03
C LEU B 76 24.00 -8.80 19.82
N CYS B 77 23.02 -9.71 19.94
CA CYS B 77 21.83 -9.43 20.74
C CYS B 77 22.11 -9.51 22.23
N MET B 78 23.01 -10.41 22.65
CA MET B 78 23.35 -10.49 24.06
C MET B 78 23.95 -9.18 24.55
N LEU B 79 24.78 -8.54 23.73
CA LEU B 79 25.32 -7.24 24.09
C LEU B 79 24.20 -6.21 24.25
N ALA B 80 23.10 -6.39 23.53
CA ALA B 80 21.98 -5.45 23.56
C ALA B 80 21.01 -5.71 24.72
N LEU B 81 21.18 -6.79 25.46
CA LEU B 81 20.31 -7.04 26.60
C LEU B 81 20.43 -5.91 27.61
N SER B 82 19.28 -5.32 27.97
CA SER B 82 19.25 -4.14 28.81
C SER B 82 20.02 -2.98 28.18
N GLY B 83 20.10 -2.97 26.85
CA GLY B 83 20.84 -1.97 26.13
C GLY B 83 19.98 -0.82 25.66
N PRO B 84 20.41 -0.13 24.61
CA PRO B 84 19.64 0.99 24.10
C PRO B 84 18.27 0.53 23.63
N PRO B 85 17.27 1.41 23.67
CA PRO B 85 15.89 0.99 23.33
C PRO B 85 15.74 0.51 21.90
N HIS B 86 16.65 0.89 20.99
CA HIS B 86 16.48 0.51 19.59
C HIS B 86 16.45 -1.00 19.41
N TRP B 87 17.35 -1.71 20.09
CA TRP B 87 17.46 -3.15 19.90
C TRP B 87 16.27 -3.92 20.46
N GLY B 88 15.40 -3.27 21.23
CA GLY B 88 14.22 -3.94 21.74
C GLY B 88 14.48 -4.89 22.88
N LEU B 89 15.63 -4.76 23.56
CA LEU B 89 15.97 -5.60 24.70
C LEU B 89 16.35 -4.73 25.91
N GLU B 90 15.83 -3.50 25.96
CA GLU B 90 16.19 -2.58 27.03
C GLU B 90 15.72 -3.07 28.40
N TYR B 91 14.70 -3.93 28.44
CA TYR B 91 14.19 -4.48 29.69
C TYR B 91 14.54 -5.96 29.88
N GLN B 92 15.21 -6.57 28.91
CA GLN B 92 15.58 -7.98 29.03
C GLN B 92 16.85 -8.12 29.85
N ALA B 93 16.84 -9.08 30.77
CA ALA B 93 17.99 -9.32 31.62
C ALA B 93 19.04 -10.15 30.91
N PRO B 94 20.29 -10.09 31.37
CA PRO B 94 21.33 -10.95 30.77
C PRO B 94 20.98 -12.42 30.89
N TYR B 95 21.36 -13.18 29.87
CA TYR B 95 21.09 -14.62 29.77
C TYR B 95 19.62 -14.93 29.56
N SER B 96 18.80 -13.94 29.19
CA SER B 96 17.40 -14.19 28.95
C SER B 96 17.20 -14.90 27.62
N SER B 97 16.10 -15.64 27.51
CA SER B 97 15.81 -16.37 26.29
C SER B 97 15.46 -15.41 25.15
N PRO B 98 15.67 -15.83 23.91
CA PRO B 98 15.35 -14.95 22.77
C PRO B 98 13.86 -14.69 22.69
N PRO B 99 13.43 -13.42 22.69
CA PRO B 99 12.01 -13.11 22.62
C PRO B 99 11.47 -13.26 21.20
N GLY B 100 10.15 -13.19 21.11
CA GLY B 100 9.47 -13.25 19.83
C GLY B 100 8.87 -14.63 19.57
N PRO B 101 7.75 -14.68 18.85
CA PRO B 101 7.14 -15.97 18.56
C PRO B 101 7.99 -16.76 17.57
N PRO B 102 7.89 -18.09 17.60
CA PRO B 102 8.68 -18.90 16.66
C PRO B 102 8.22 -18.71 15.22
N CYS B 103 9.15 -18.87 14.30
CA CYS B 103 8.83 -18.84 12.88
C CYS B 103 8.16 -20.15 12.47
N CYS B 104 7.15 -20.05 11.61
CA CYS B 104 6.46 -21.25 11.14
C CYS B 104 7.39 -22.16 10.33
N SER B 105 8.44 -21.60 9.74
CA SER B 105 9.42 -22.37 8.98
C SER B 105 10.50 -22.97 9.85
N GLY B 106 10.47 -22.74 11.16
CA GLY B 106 11.49 -23.29 12.03
C GLY B 106 11.43 -24.81 12.09
N SER B 107 12.51 -25.38 12.64
CA SER B 107 12.60 -26.83 12.73
C SER B 107 11.46 -27.41 13.55
N SER B 108 10.90 -26.65 14.48
CA SER B 108 9.78 -27.13 15.29
C SER B 108 8.47 -27.17 14.52
N GLY B 109 8.41 -26.58 13.32
CA GLY B 109 7.20 -26.61 12.53
C GLY B 109 6.19 -25.57 12.95
N SER B 110 5.04 -25.62 12.31
CA SER B 110 3.97 -24.68 12.59
C SER B 110 3.41 -24.89 14.00
N SER B 111 2.97 -23.79 14.61
CA SER B 111 2.38 -23.83 15.93
C SER B 111 1.45 -22.64 16.09
N ALA B 112 0.61 -22.71 17.11
CA ALA B 112 -0.33 -21.61 17.37
C ALA B 112 0.42 -20.31 17.57
N GLY B 113 0.11 -19.31 16.75
CA GLY B 113 0.75 -18.03 16.85
C GLY B 113 2.09 -17.92 16.14
N CYS B 114 2.49 -18.93 15.38
CA CYS B 114 3.76 -18.85 14.67
C CYS B 114 3.71 -17.74 13.63
N SER B 115 4.87 -17.15 13.36
CA SER B 115 4.97 -16.00 12.48
C SER B 115 5.51 -16.40 11.12
N ARG B 116 4.91 -15.84 10.07
CA ARG B 116 5.40 -16.00 8.71
C ARG B 116 6.28 -14.84 8.27
N ASP B 117 6.55 -13.86 9.15
CA ASP B 117 7.44 -12.77 8.81
C ASP B 117 8.84 -13.28 8.48
N CYS B 118 9.23 -14.41 9.07
CA CYS B 118 10.57 -14.96 8.81
C CYS B 118 10.73 -15.42 7.38
N ASP B 119 9.63 -15.59 6.64
CA ASP B 119 9.68 -15.92 5.22
C ASP B 119 9.35 -14.72 4.32
N GLU B 120 8.60 -13.75 4.84
CA GLU B 120 8.27 -12.57 4.06
C GLU B 120 9.51 -11.69 3.89
N PRO B 121 9.49 -10.78 2.91
CA PRO B 121 10.65 -9.93 2.67
C PRO B 121 11.04 -9.14 3.93
N LEU B 122 12.34 -9.01 4.15
CA LEU B 122 12.87 -8.31 5.30
C LEU B 122 13.19 -6.85 5.03
N THR B 123 12.86 -6.34 3.84
CA THR B 123 13.23 -4.98 3.48
C THR B 123 12.56 -3.95 4.39
N SER B 124 11.35 -4.24 4.87
CA SER B 124 10.59 -3.29 5.68
C SER B 124 10.87 -3.40 7.17
N LEU B 125 11.69 -4.36 7.59
CA LEU B 125 11.95 -4.58 9.01
C LEU B 125 13.14 -3.74 9.48
N THR B 126 13.11 -3.38 10.76
CA THR B 126 14.24 -2.70 11.38
C THR B 126 15.25 -3.72 11.89
N PRO B 127 16.55 -3.48 11.72
CA PRO B 127 17.54 -4.42 12.29
C PRO B 127 17.61 -4.32 13.80
N ARG B 128 17.06 -5.31 14.49
CA ARG B 128 17.06 -5.34 15.95
C ARG B 128 16.86 -6.79 16.39
N CYS B 129 16.78 -6.98 17.71
CA CYS B 129 16.84 -8.31 18.30
C CYS B 129 15.59 -8.69 19.08
N ASN B 130 14.47 -8.00 18.87
CA ASN B 130 13.27 -8.28 19.64
C ASN B 130 12.42 -9.42 19.05
N THR B 131 12.69 -9.82 17.81
CA THR B 131 11.94 -10.91 17.19
C THR B 131 12.85 -11.66 16.23
N ALA B 132 12.41 -12.87 15.86
CA ALA B 132 13.21 -13.71 14.97
C ALA B 132 13.39 -13.05 13.61
N TRP B 133 12.34 -12.45 13.06
CA TRP B 133 12.44 -11.79 11.77
C TRP B 133 13.26 -10.51 11.88
N ASN B 134 13.14 -9.80 13.00
CA ASN B 134 14.03 -8.67 13.24
C ASN B 134 15.48 -9.13 13.33
N ARG B 135 15.73 -10.32 13.89
CA ARG B 135 17.08 -10.85 13.90
C ARG B 135 17.54 -11.25 12.50
N LEU B 136 16.63 -11.75 11.66
CA LEU B 136 16.96 -11.95 10.24
C LEU B 136 17.39 -10.65 9.59
N LYS B 137 16.64 -9.58 9.82
CA LYS B 137 17.00 -8.28 9.25
C LYS B 137 18.34 -7.80 9.79
N LEU B 138 18.58 -7.99 11.08
CA LEU B 138 19.87 -7.60 11.65
C LEU B 138 21.02 -8.38 11.03
N ASP B 139 20.83 -9.68 10.82
CA ASP B 139 21.86 -10.48 10.17
C ASP B 139 22.11 -10.01 8.75
N GLN B 140 21.03 -9.69 8.02
CA GLN B 140 21.18 -9.18 6.66
C GLN B 140 21.97 -7.87 6.67
N VAL B 141 21.65 -6.96 7.59
CA VAL B 141 22.36 -5.69 7.66
C VAL B 141 23.81 -5.91 8.02
N THR B 142 24.08 -6.83 8.95
CA THR B 142 25.44 -7.10 9.40
C THR B 142 26.28 -7.86 8.38
N HIS B 143 25.65 -8.51 7.39
CA HIS B 143 26.36 -9.28 6.39
C HIS B 143 26.44 -8.61 5.03
N LYS B 144 25.53 -7.69 4.73
CA LYS B 144 25.56 -7.00 3.44
C LYS B 144 26.88 -6.23 3.30
N SER B 145 27.46 -6.29 2.10
CA SER B 145 28.72 -5.58 1.86
C SER B 145 28.52 -4.07 1.97
N SER B 146 27.44 -3.54 1.39
CA SER B 146 27.15 -2.12 1.48
C SER B 146 26.81 -1.68 2.90
N GLU B 147 26.54 -2.64 3.79
CA GLU B 147 26.23 -2.34 5.19
C GLU B 147 27.16 -3.15 6.08
N GLY B 148 26.87 -3.20 7.37
CA GLY B 148 27.66 -4.00 8.29
C GLY B 148 27.66 -3.37 9.67
N PHE B 149 28.79 -3.49 10.35
CA PHE B 149 28.95 -2.93 11.68
C PHE B 149 30.40 -2.49 11.86
N TYR B 150 30.59 -1.42 12.64
CA TYR B 150 31.92 -0.93 12.97
C TYR B 150 32.01 -0.71 14.47
N VAL B 151 33.14 -1.13 15.04
CA VAL B 151 33.37 -1.08 16.49
C VAL B 151 34.40 0.01 16.76
N CYS B 152 34.09 0.87 17.72
CA CYS B 152 34.92 2.01 18.06
C CYS B 152 35.53 1.83 19.45
N PRO B 153 36.85 1.95 19.60
CA PRO B 153 37.46 1.82 20.92
C PRO B 153 36.94 2.85 21.90
N GLY B 154 37.01 2.49 23.19
CA GLY B 154 36.54 3.36 24.25
C GLY B 154 37.63 3.87 25.17
N SER B 155 37.65 3.40 26.42
CA SER B 155 38.55 3.96 27.42
C SER B 155 40.02 3.75 27.04
N HIS B 156 40.36 2.55 26.55
CA HIS B 156 41.74 2.24 26.21
C HIS B 156 42.25 3.03 25.01
N ARG B 157 41.38 3.72 24.28
CA ARG B 157 41.82 4.46 23.11
C ARG B 157 42.72 5.63 23.52
N PRO B 158 43.60 6.08 22.62
CA PRO B 158 44.53 7.17 22.97
C PRO B 158 43.83 8.51 23.12
N ARG B 159 44.61 9.55 23.45
CA ARG B 159 44.04 10.88 23.62
C ARG B 159 43.42 11.39 22.32
N GLU B 160 44.09 11.16 21.19
CA GLU B 160 43.55 11.61 19.91
C GLU B 160 42.18 10.99 19.66
N ALA B 161 42.09 9.66 19.76
CA ALA B 161 40.80 9.00 19.61
C ALA B 161 39.79 9.48 20.65
N LYS B 162 40.27 10.03 21.77
CA LYS B 162 39.35 10.58 22.77
C LYS B 162 38.47 11.67 22.17
N SER B 163 38.93 12.33 21.11
CA SER B 163 38.13 13.37 20.47
C SER B 163 36.89 12.82 19.79
N CYS B 164 36.79 11.50 19.62
CA CYS B 164 35.70 10.92 18.83
C CYS B 164 34.36 11.11 19.52
N GLY B 165 34.29 10.82 20.81
CA GLY B 165 33.07 11.03 21.57
C GLY B 165 32.98 10.09 22.73
N GLY B 166 31.90 10.26 23.50
CA GLY B 166 31.67 9.47 24.69
C GLY B 166 30.75 8.30 24.44
N PRO B 167 30.37 7.59 25.51
CA PRO B 167 29.49 6.42 25.34
C PRO B 167 28.15 6.76 24.70
N ASP B 168 27.65 7.98 24.89
CA ASP B 168 26.39 8.36 24.25
C ASP B 168 26.47 8.22 22.74
N SER B 169 27.63 8.54 22.16
CA SER B 169 27.89 8.33 20.76
C SER B 169 28.49 6.96 20.47
N PHE B 170 28.48 6.06 21.46
CA PHE B 170 29.11 4.75 21.34
C PHE B 170 30.60 4.90 21.03
N TYR B 171 31.22 5.88 21.66
CA TYR B 171 32.66 6.11 21.63
C TYR B 171 33.17 6.57 20.27
N CYS B 172 32.27 6.96 19.36
CA CYS B 172 32.69 7.50 18.08
C CYS B 172 31.58 8.32 17.43
N ALA B 173 31.69 9.64 17.52
CA ALA B 173 30.74 10.54 16.87
C ALA B 173 31.26 11.08 15.54
N SER B 174 32.46 10.68 15.12
CA SER B 174 33.05 11.12 13.88
C SER B 174 33.62 9.93 13.14
N TRP B 175 33.61 10.03 11.81
CA TRP B 175 34.12 8.95 10.98
C TRP B 175 35.63 8.81 11.13
N GLY B 176 36.13 7.60 10.92
CA GLY B 176 37.53 7.30 11.11
C GLY B 176 37.91 6.92 12.52
N CYS B 177 36.94 6.69 13.39
CA CYS B 177 37.19 6.32 14.79
C CYS B 177 36.93 4.85 15.05
N GLU B 178 36.79 4.04 14.01
CA GLU B 178 36.51 2.61 14.16
C GLU B 178 37.77 1.82 13.86
N THR B 179 38.11 0.88 14.75
CA THR B 179 39.31 0.08 14.63
C THR B 179 39.05 -1.32 14.12
N THR B 180 37.80 -1.79 14.16
CA THR B 180 37.47 -3.13 13.69
C THR B 180 35.98 -3.14 13.33
N GLY B 181 35.51 -4.30 12.87
CA GLY B 181 34.15 -4.44 12.38
C GLY B 181 34.14 -4.77 10.91
N ARG B 182 33.01 -5.27 10.41
CA ARG B 182 32.89 -5.69 9.03
C ARG B 182 32.17 -4.61 8.24
N VAL B 183 32.92 -3.89 7.41
CA VAL B 183 32.40 -2.84 6.54
C VAL B 183 33.29 -2.78 5.30
N TYR B 184 32.85 -1.99 4.31
CA TYR B 184 33.54 -2.00 3.03
C TYR B 184 34.97 -1.48 3.14
N TRP B 185 35.20 -0.49 4.01
CA TRP B 185 36.54 0.05 4.16
C TRP B 185 37.41 -0.77 5.12
N LYS B 186 36.86 -1.78 5.77
CA LYS B 186 37.61 -2.73 6.57
C LYS B 186 38.59 -2.04 7.50
N PRO B 187 38.11 -1.38 8.55
CA PRO B 187 39.03 -0.68 9.46
C PRO B 187 39.93 -1.65 10.20
N SER B 188 41.12 -1.16 10.56
CA SER B 188 42.07 -1.94 11.33
C SER B 188 42.98 -0.98 12.09
N SER B 189 43.36 -1.37 13.30
CA SER B 189 44.26 -0.57 14.13
C SER B 189 45.28 -1.50 14.79
N SER B 190 46.55 -1.08 14.78
CA SER B 190 47.59 -1.88 15.39
C SER B 190 47.44 -1.94 16.91
N TRP B 191 47.07 -0.81 17.52
CA TRP B 191 46.97 -0.73 18.98
C TRP B 191 45.62 -1.21 19.52
N ASP B 192 44.65 -1.50 18.65
CA ASP B 192 43.36 -2.00 19.12
C ASP B 192 43.53 -3.37 19.73
N TYR B 193 42.83 -3.61 20.85
CA TYR B 193 43.00 -4.85 21.58
C TYR B 193 42.28 -6.02 20.92
N ILE B 194 41.14 -5.77 20.26
CA ILE B 194 40.31 -6.84 19.73
C ILE B 194 39.91 -6.51 18.29
N THR B 195 39.50 -7.56 17.57
CA THR B 195 38.94 -7.44 16.24
C THR B 195 37.62 -8.18 16.20
N VAL B 196 36.58 -7.56 15.66
CA VAL B 196 35.23 -8.09 15.67
C VAL B 196 34.79 -8.36 14.24
N ASP B 197 34.17 -9.52 14.03
CA ASP B 197 33.63 -9.89 12.72
C ASP B 197 32.41 -10.77 12.95
N ASN B 198 31.72 -11.11 11.88
CA ASN B 198 30.59 -12.04 11.97
C ASN B 198 31.11 -13.46 12.10
N ASN B 199 30.64 -14.17 13.14
CA ASN B 199 31.11 -15.52 13.38
C ASN B 199 30.52 -16.51 12.38
N LEU B 200 29.22 -16.38 12.08
CA LEU B 200 28.54 -17.28 11.17
C LEU B 200 28.08 -16.52 9.94
N THR B 201 28.07 -17.20 8.80
CA THR B 201 27.62 -16.61 7.56
C THR B 201 26.10 -16.48 7.54
N THR B 202 25.60 -15.77 6.52
CA THR B 202 24.16 -15.54 6.42
C THR B 202 23.40 -16.86 6.28
N SER B 203 23.92 -17.78 5.46
CA SER B 203 23.24 -19.05 5.26
C SER B 203 23.14 -19.83 6.57
N GLN B 204 24.23 -19.86 7.35
CA GLN B 204 24.20 -20.53 8.65
C GLN B 204 23.26 -19.81 9.61
N ALA B 205 23.27 -18.46 9.59
CA ALA B 205 22.51 -17.70 10.57
C ALA B 205 21.01 -17.76 10.31
N VAL B 206 20.60 -17.92 9.05
CA VAL B 206 19.18 -17.89 8.73
C VAL B 206 18.44 -19.03 9.43
N GLN B 207 19.00 -20.23 9.38
CA GLN B 207 18.35 -21.38 10.01
C GLN B 207 18.24 -21.20 11.51
N VAL B 208 19.30 -20.69 12.15
CA VAL B 208 19.26 -20.48 13.59
C VAL B 208 18.20 -19.43 13.92
N CYS B 209 18.11 -18.37 13.11
CA CYS B 209 17.06 -17.38 13.32
C CYS B 209 15.68 -18.01 13.25
N LYS B 210 15.44 -18.83 12.22
CA LYS B 210 14.13 -19.44 12.04
C LYS B 210 13.79 -20.36 13.21
N ASP B 211 14.79 -20.91 13.87
CA ASP B 211 14.57 -21.71 15.07
C ASP B 211 14.18 -20.86 16.28
N ASN B 212 14.27 -19.54 16.17
CA ASN B 212 13.98 -18.58 17.23
C ASN B 212 15.13 -18.47 18.23
N LYS B 213 16.26 -19.13 17.97
CA LYS B 213 17.43 -19.01 18.82
C LYS B 213 18.19 -17.73 18.48
N TRP B 214 19.10 -17.34 19.37
CA TRP B 214 20.02 -16.25 19.07
C TRP B 214 20.82 -16.62 17.82
N CYS B 215 20.85 -15.70 16.85
CA CYS B 215 21.43 -16.00 15.55
C CYS B 215 22.26 -14.86 15.00
N ASN B 216 22.86 -14.06 15.87
CA ASN B 216 23.77 -12.97 15.46
C ASN B 216 25.09 -13.06 16.21
N PRO B 217 25.76 -14.22 16.17
CA PRO B 217 27.04 -14.34 16.87
C PRO B 217 28.09 -13.43 16.26
N LEU B 218 28.96 -12.90 17.12
CA LEU B 218 30.08 -12.06 16.71
C LEU B 218 31.37 -12.71 17.17
N ALA B 219 32.26 -12.99 16.23
CA ALA B 219 33.57 -13.54 16.55
C ALA B 219 34.49 -12.38 16.92
N ILE B 220 34.95 -12.37 18.17
CA ILE B 220 35.86 -11.35 18.68
C ILE B 220 37.19 -12.04 18.98
N GLN B 221 38.26 -11.58 18.33
CA GLN B 221 39.57 -12.18 18.46
C GLN B 221 40.53 -11.17 19.08
N PHE B 222 41.24 -11.60 20.12
CA PHE B 222 42.23 -10.74 20.75
C PHE B 222 43.39 -10.49 19.79
N THR B 223 43.82 -9.23 19.70
CA THR B 223 44.94 -8.86 18.84
C THR B 223 46.25 -9.02 19.61
N ASN B 224 47.36 -8.96 18.86
CA ASN B 224 48.67 -9.03 19.50
C ASN B 224 48.83 -7.93 20.53
N ALA B 225 48.37 -6.72 20.21
CA ALA B 225 48.38 -5.64 21.19
C ALA B 225 47.51 -5.98 22.39
N GLY B 226 46.33 -6.56 22.14
CA GLY B 226 45.46 -6.95 23.24
C GLY B 226 46.07 -8.02 24.11
N LYS B 227 46.75 -8.99 23.48
CA LYS B 227 47.39 -10.06 24.25
C LYS B 227 48.46 -9.50 25.17
N GLN B 228 49.25 -8.54 24.68
CA GLN B 228 50.26 -7.92 25.52
C GLN B 228 49.64 -7.21 26.73
N VAL B 229 48.42 -6.68 26.56
CA VAL B 229 47.79 -5.92 27.62
C VAL B 229 47.43 -6.84 28.79
N THR B 230 47.70 -6.37 30.01
CA THR B 230 47.39 -7.12 31.22
C THR B 230 46.30 -6.46 32.05
N SER B 231 45.68 -5.40 31.54
CA SER B 231 44.60 -4.70 32.25
C SER B 231 43.23 -5.30 31.94
N TRP B 232 43.18 -6.52 31.41
CA TRP B 232 41.91 -7.14 31.08
C TRP B 232 41.07 -7.37 32.33
N THR B 233 41.71 -7.58 33.48
CA THR B 233 40.97 -7.82 34.72
C THR B 233 40.06 -6.63 35.04
N THR B 234 40.59 -5.41 34.89
CA THR B 234 39.75 -4.22 35.05
C THR B 234 38.65 -4.20 34.00
N GLY B 235 38.95 -4.65 32.79
CA GLY B 235 37.99 -4.69 31.71
C GLY B 235 38.12 -3.49 30.79
N HIS B 236 37.73 -3.68 29.54
CA HIS B 236 37.77 -2.64 28.53
C HIS B 236 36.44 -2.64 27.77
N TYR B 237 36.12 -1.49 27.16
CA TYR B 237 34.82 -1.28 26.56
C TYR B 237 34.94 -0.72 25.15
N TRP B 238 34.02 -1.15 24.29
CA TRP B 238 33.93 -0.69 22.92
C TRP B 238 32.48 -0.33 22.59
N GLY B 239 32.32 0.38 21.48
CA GLY B 239 30.98 0.73 21.01
C GLY B 239 30.74 0.24 19.59
N LEU B 240 29.78 -0.67 19.42
CA LEU B 240 29.50 -1.28 18.13
C LEU B 240 28.28 -0.61 17.51
N ARG B 241 28.44 -0.05 16.31
CA ARG B 241 27.38 0.67 15.63
C ARG B 241 27.12 0.04 14.27
N LEU B 242 25.85 -0.15 13.93
CA LEU B 242 25.49 -0.66 12.62
C LEU B 242 25.67 0.44 11.56
N TYR B 243 26.11 0.02 10.38
CA TYR B 243 26.31 0.93 9.25
C TYR B 243 25.08 0.83 8.36
N VAL B 244 24.11 1.70 8.59
CA VAL B 244 22.85 1.72 7.88
C VAL B 244 22.58 3.16 7.43
N SER B 245 21.45 3.33 6.73
CA SER B 245 20.99 4.65 6.33
C SER B 245 20.12 5.20 7.45
N GLY B 246 20.65 6.17 8.20
CA GLY B 246 19.99 6.72 9.35
C GLY B 246 20.98 7.03 10.43
N ARG B 247 20.52 6.91 11.69
CA ARG B 247 21.37 7.29 12.82
C ARG B 247 22.52 6.31 13.02
N ASP B 248 22.48 5.15 12.35
CA ASP B 248 23.45 4.10 12.60
C ASP B 248 23.34 3.65 14.05
N PRO B 249 22.25 2.98 14.42
CA PRO B 249 22.05 2.60 15.83
C PRO B 249 23.20 1.73 16.32
N GLY B 250 23.53 1.87 17.61
CA GLY B 250 24.65 1.19 18.19
C GLY B 250 24.40 0.80 19.63
N LEU B 251 25.40 0.15 20.22
CA LEU B 251 25.37 -0.30 21.60
C LEU B 251 26.78 -0.26 22.15
N THR B 252 26.88 -0.39 23.47
CA THR B 252 28.17 -0.44 24.15
C THR B 252 28.35 -1.81 24.77
N PHE B 253 29.50 -2.43 24.53
CA PHE B 253 29.82 -3.73 25.10
C PHE B 253 31.22 -3.67 25.71
N GLY B 254 31.57 -4.71 26.45
CA GLY B 254 32.86 -4.75 27.10
C GLY B 254 33.35 -6.18 27.26
N ILE B 255 34.67 -6.29 27.43
CA ILE B 255 35.33 -7.57 27.65
C ILE B 255 36.17 -7.46 28.91
N ARG B 256 36.12 -8.49 29.75
CA ARG B 256 36.89 -8.49 30.98
C ARG B 256 37.26 -9.93 31.33
N LEU B 257 38.26 -10.05 32.20
CA LEU B 257 38.82 -11.34 32.60
C LEU B 257 38.68 -11.53 34.10
N ARG B 258 38.28 -12.73 34.51
CA ARG B 258 38.33 -13.14 35.89
C ARG B 258 39.11 -14.44 36.00
N TYR B 259 39.62 -14.72 37.19
CA TYR B 259 40.40 -15.93 37.42
C TYR B 259 40.24 -16.36 38.86
N GLN B 260 40.08 -17.67 39.06
CA GLN B 260 39.93 -18.23 40.39
C GLN B 260 40.87 -19.41 40.57
N ASN B 261 41.04 -19.82 41.82
CA ASN B 261 41.95 -20.92 42.13
C ASN B 261 41.51 -22.20 41.45
N LEU B 262 42.47 -22.89 40.85
CA LEU B 262 42.19 -24.15 40.16
C LEU B 262 42.27 -25.33 41.11
C1 NAG C . 35.53 -22.13 36.52
C2 NAG C . 34.65 -23.26 37.07
C3 NAG C . 33.30 -23.26 36.37
C4 NAG C . 32.65 -21.88 36.43
C5 NAG C . 33.63 -20.81 35.94
C6 NAG C . 33.11 -19.40 36.12
C7 NAG C . 36.08 -25.08 37.88
C8 NAG C . 36.68 -26.42 37.56
N2 NAG C . 35.30 -24.55 36.94
O3 NAG C . 32.44 -24.22 36.99
O4 NAG C . 31.50 -21.85 35.61
O5 NAG C . 34.86 -20.89 36.68
O6 NAG C . 33.23 -18.98 37.47
O7 NAG C . 36.31 -24.51 38.94
H3 NAG C . 33.42 -23.50 35.43
H4 NAG C . 32.40 -21.68 37.36
H5 NAG C . 33.82 -20.97 35.00
H61 NAG C . 32.17 -19.38 35.86
H62 NAG C . 33.62 -18.80 35.54
H81 NAG C . 37.23 -26.72 38.31
H82 NAG C . 37.23 -26.35 36.76
H83 NAG C . 35.96 -27.06 37.40
HN2 NAG C . 35.17 -25.02 36.16
HO3 NAG C . 31.62 -23.88 37.07
C1 NAG C . 30.35 -21.40 36.36
C2 NAG C . 29.24 -20.99 35.40
C3 NAG C . 28.00 -20.55 36.17
C4 NAG C . 27.56 -21.66 37.13
C5 NAG C . 28.73 -22.04 38.04
C6 NAG C . 28.41 -23.20 38.94
C7 NAG C . 29.91 -18.69 34.85
C8 NAG C . 30.36 -17.77 33.76
N2 NAG C . 29.68 -19.96 34.48
O3 NAG C . 26.96 -20.23 35.25
O4 NAG C . 26.49 -21.22 37.95
O5 NAG C . 29.87 -22.42 37.25
O6 NAG C . 29.56 -23.68 39.62
O7 NAG C . 29.79 -18.31 36.01
H3 NAG C . 28.21 -19.76 36.70
H4 NAG C . 27.31 -22.46 36.62
H5 NAG C . 28.96 -21.27 38.58
H61 NAG C . 28.04 -23.93 38.41
H62 NAG C . 27.74 -22.92 39.60
H81 NAG C . 30.47 -16.86 34.12
H82 NAG C . 29.68 -17.74 33.05
H83 NAG C . 31.20 -18.08 33.39
HN2 NAG C . 29.79 -20.18 33.60
HO3 NAG C . 27.26 -20.35 34.42
HO6 NAG C . 30.22 -23.82 39.03
C1 BMA C . 25.10 -21.37 37.48
C2 BMA C . 24.97 -21.85 36.00
C3 BMA C . 23.50 -21.80 35.65
C4 BMA C . 22.69 -22.70 36.62
C5 BMA C . 22.97 -22.31 38.09
C6 BMA C . 22.35 -23.27 39.08
O2 BMA C . 25.35 -23.21 35.86
O3 BMA C . 23.27 -22.20 34.30
O4 BMA C . 21.30 -22.56 36.35
O5 BMA C . 24.40 -22.31 38.32
O6 BMA C . 22.61 -22.80 40.39
H4 BMA C . 23.02 -23.74 36.47
H5 BMA C . 22.57 -21.31 38.29
H61 BMA C . 22.78 -24.27 38.92
H62 BMA C . 21.27 -23.32 38.86
HO4 BMA C . 21.19 -22.86 35.44
HO6 BMA C . 23.54 -22.55 40.43
C1 MAN C . 22.60 -21.12 33.61
C2 MAN C . 22.41 -21.55 32.13
C3 MAN C . 23.75 -21.54 31.40
C4 MAN C . 24.45 -20.19 31.58
C5 MAN C . 24.63 -19.91 33.08
C6 MAN C . 25.29 -18.56 33.35
O2 MAN C . 21.57 -20.63 31.42
O3 MAN C . 23.59 -21.82 30.01
O4 MAN C . 25.73 -20.22 30.96
O5 MAN C . 23.35 -19.90 33.72
O6 MAN C . 25.29 -18.35 34.76
H4 MAN C . 23.82 -19.40 31.17
H5 MAN C . 25.27 -20.70 33.52
H61 MAN C . 24.72 -17.79 32.82
H62 MAN C . 26.31 -18.60 32.94
HO4 MAN C . 25.68 -20.94 30.31
HO6 MAN C . 25.65 -19.14 35.18
C1 FUC C . 32.04 -18.26 37.83
C2 FUC C . 31.71 -18.59 39.30
C3 FUC C . 32.76 -17.98 40.24
C4 FUC C . 32.89 -16.48 39.98
C5 FUC C . 33.18 -16.23 38.50
C6 FUC C . 33.18 -14.74 38.14
O2 FUC C . 31.56 -19.98 39.52
O3 FUC C . 32.36 -18.16 41.60
O4 FUC C . 31.68 -15.83 40.35
O5 FUC C . 32.21 -16.86 37.65
H5 FUC C . 34.18 -16.66 38.30
H61 FUC C . 33.38 -14.62 37.07
H62 FUC C . 33.94 -14.22 38.71
H63 FUC C . 32.20 -14.31 38.37
C1 NAG D . 31.13 -19.63 15.52
C2 NAG D . 30.03 -20.70 15.58
C3 NAG D . 30.62 -22.04 15.99
C4 NAG D . 31.78 -22.42 15.07
C5 NAG D . 32.80 -21.28 15.01
C6 NAG D . 33.91 -21.52 14.02
C7 NAG D . 29.18 -19.99 17.77
C8 NAG D . 27.98 -19.61 18.56
N2 NAG D . 28.97 -20.30 16.49
O3 NAG D . 29.61 -23.04 15.91
O4 NAG D . 32.43 -23.58 15.58
O5 NAG D . 32.15 -20.06 14.61
O6 NAG D . 33.42 -22.15 12.84
O7 NAG D . 30.30 -20.03 18.27
H3 NAG D . 30.95 -21.98 16.90
H4 NAG D . 31.44 -22.59 14.18
H5 NAG D . 33.19 -21.15 15.90
H61 NAG D . 34.58 -22.09 14.43
H62 NAG D . 34.31 -20.67 13.77
H81 NAG D . 28.23 -19.40 19.49
H82 NAG D . 27.33 -20.34 18.57
H83 NAG D . 27.56 -18.82 18.16
HN2 NAG D . 28.12 -20.26 16.17
HO3 NAG D . 29.80 -23.69 16.49
HO6 NAG D . 34.08 -22.26 12.26
C1 NAG D . 32.15 -24.69 14.70
C2 NAG D . 33.36 -25.63 14.69
C3 NAG D . 33.07 -26.85 13.82
C4 NAG D . 31.78 -27.53 14.27
C5 NAG D . 30.64 -26.51 14.31
C6 NAG D . 29.36 -27.09 14.85
C7 NAG D . 35.56 -24.61 15.03
C8 NAG D . 36.71 -23.91 14.37
N2 NAG D . 34.55 -24.94 14.22
O3 NAG D . 34.16 -27.76 13.92
O4 NAG D . 31.45 -28.59 13.38
O5 NAG D . 30.98 -25.40 15.14
O6 NAG D . 29.21 -26.80 16.24
O7 NAG D . 35.56 -24.86 16.22
H3 NAG D . 32.97 -26.57 12.90
H4 NAG D . 31.91 -27.89 15.18
H5 NAG D . 30.48 -26.19 13.40
H61 NAG D . 29.36 -28.06 14.73
H62 NAG D . 28.60 -26.71 14.37
H81 NAG D . 37.26 -23.48 15.05
H82 NAG D . 36.37 -23.23 13.74
H83 NAG D . 37.26 -24.56 13.88
HN2 NAG D . 34.60 -24.73 13.34
HO3 NAG D . 34.09 -28.37 13.28
HO4 NAG D . 31.26 -29.31 13.84
HO6 NAG D . 29.72 -26.12 16.45
C1 NAG E . 1.22 -6.35 25.92
C2 NAG E . -0.05 -5.84 26.58
C3 NAG E . 0.30 -4.99 27.80
C4 NAG E . 1.21 -5.75 28.74
C5 NAG E . 2.42 -6.30 27.99
C6 NAG E . 3.30 -7.19 28.82
C7 NAG E . -2.04 -5.52 25.18
C8 NAG E . -2.75 -4.61 24.22
N2 NAG E . -0.87 -5.09 25.65
O3 NAG E . -0.89 -4.62 28.48
O4 NAG E . 1.67 -4.89 29.77
O5 NAG E . 2.00 -7.08 26.86
O6 NAG E . 2.88 -8.54 28.77
O7 NAG E . -2.52 -6.60 25.51
H3 NAG E . 0.76 -4.18 27.49
H4 NAG E . 0.73 -6.50 29.13
H5 NAG E . 2.96 -5.55 27.65
H61 NAG E . 3.27 -6.89 29.76
H62 NAG E . 4.23 -7.13 28.51
H81 NAG E . -3.49 -5.08 23.80
H82 NAG E . -2.12 -4.30 23.54
H83 NAG E . -3.09 -3.83 24.71
HN2 NAG E . -0.56 -4.27 25.37
HO3 NAG E . -0.86 -4.92 29.31
HO6 NAG E . 2.52 -8.70 27.97
C1 NAG E . 1.28 -5.40 31.07
C2 NAG E . 1.60 -4.32 32.10
C3 NAG E . 1.18 -4.78 33.50
C4 NAG E . -0.28 -5.21 33.49
C5 NAG E . -0.52 -6.25 32.39
C6 NAG E . -1.97 -6.65 32.25
C7 NAG E . 3.56 -3.16 31.20
C8 NAG E . 5.04 -2.92 31.33
N2 NAG E . 3.02 -3.98 32.09
O3 NAG E . 1.37 -3.73 34.43
O4 NAG E . -0.63 -5.77 34.75
O5 NAG E . -0.11 -5.72 31.12
O6 NAG E . -2.14 -8.06 32.28
O7 NAG E . 2.90 -2.62 30.31
H3 NAG E . 1.73 -5.55 33.76
H4 NAG E . -0.85 -4.44 33.32
H5 NAG E . 0.00 -7.05 32.59
H61 NAG E . -2.31 -6.30 31.40
H62 NAG E . -2.49 -6.25 32.99
H81 NAG E . 5.34 -2.32 30.62
H82 NAG E . 5.51 -3.76 31.26
H83 NAG E . 5.22 -2.51 32.20
HN2 NAG E . 3.56 -4.35 32.74
HO3 NAG E . 1.10 -3.99 35.24
HO4 NAG E . -1.43 -5.48 34.99
HO6 NAG E . -2.99 -8.26 32.13
N LYS F . -16.03 2.10 -3.49
CA LYS F . -17.00 1.03 -3.49
C LYS F . -17.16 0.43 -2.10
O LYS F . -18.13 -0.27 -1.81
CB LYS F . -16.61 -0.06 -4.49
CG LYS F . -16.66 0.36 -5.96
CD LYS F . -17.92 1.12 -6.35
CE LYS F . -19.19 0.36 -6.01
NZ LYS F . -20.40 1.21 -6.11
OXT LYS F . -16.31 0.63 -1.23
HA LYS F . -17.87 1.40 -3.75
HB2 LYS F . -15.71 -0.34 -4.29
HB3 LYS F . -17.21 -0.82 -4.38
HG2 LYS F . -15.90 0.93 -6.14
HG3 LYS F . -16.61 -0.43 -6.52
HD2 LYS F . -17.94 1.98 -5.88
HD3 LYS F . -17.91 1.28 -7.31
HE2 LYS F . -19.29 -0.39 -6.62
HE3 LYS F . -19.14 0.03 -5.10
HZ1 LYS F . -21.13 0.74 -5.90
HZ2 LYS F . -20.34 1.90 -5.55
HZ3 LYS F . -20.49 1.53 -6.94
CAA Y01 G . -33.83 -18.16 -2.82
CBA Y01 G . -32.85 -17.03 -3.13
CAB Y01 G . -33.57 -15.91 -3.86
CAN Y01 G . -32.18 -16.50 -1.86
CAJ Y01 G . -31.15 -15.39 -2.08
CAO Y01 G . -31.50 -14.12 -1.31
CBB Y01 G . -32.33 -13.08 -2.06
CAC Y01 G . -33.68 -12.86 -1.37
CBE Y01 G . -31.52 -11.79 -2.24
CAP Y01 G . -30.30 -12.02 -3.19
CAQ Y01 G . -30.05 -10.68 -3.90
CBG Y01 G . -30.89 -9.70 -3.09
CBI Y01 G . -32.17 -10.51 -2.81
CAE Y01 G . -32.96 -10.81 -4.08
CAU Y01 G . -33.00 -9.68 -1.83
CAS Y01 G . -33.26 -8.27 -2.36
CBF Y01 G . -31.98 -7.49 -2.67
CBD Y01 G . -31.06 -8.29 -3.61
CAK Y01 G . -29.70 -7.61 -3.69
CAI Y01 G . -29.78 -6.11 -3.72
CAZ Y01 G . -30.89 -5.42 -3.55
CAV Y01 G . -30.91 -3.93 -3.83
CBH Y01 G . -32.22 -6.05 -3.19
CAD Y01 G . -33.11 -6.03 -4.45
CAT Y01 G . -32.86 -5.21 -2.08
CAR Y01 G . -32.95 -3.71 -2.39
CBC Y01 G . -31.57 -3.15 -2.70
OAW Y01 G . -31.76 -1.78 -3.07
CAY Y01 G . -30.71 -0.97 -3.21
OAG Y01 G . -29.57 -1.31 -2.99
CAM Y01 G . -31.14 0.39 -3.67
CAL Y01 G . -30.00 1.37 -3.91
CAX Y01 G . -29.90 1.94 -5.34
OAH Y01 G . -28.83 2.51 -5.62
OAF Y01 G . -30.89 1.80 -6.10
HAA1 Y01 G . -34.31 -18.48 -3.60
HAA2 Y01 G . -34.49 -17.87 -2.16
HAA3 Y01 G . -33.37 -18.93 -2.43
HBA Y01 G . -32.16 -17.39 -3.71
HAB1 Y01 G . -32.94 -15.33 -4.33
HAB2 Y01 G . -34.07 -15.35 -3.25
HAB3 Y01 G . -34.19 -16.25 -4.53
HAN1 Y01 G . -31.74 -17.24 -1.42
HAN2 Y01 G . -32.86 -16.20 -1.26
HAJ1 Y01 G . -31.08 -15.17 -3.02
HAJ2 Y01 G . -30.27 -15.71 -1.82
HAO1 Y01 G . -31.95 -14.35 -0.49
HAO2 Y01 G . -30.66 -13.72 -1.02
HBB Y01 G . -32.51 -13.44 -2.95
HAC1 Y01 G . -33.58 -12.38 -0.53
HAC2 Y01 G . -34.11 -13.70 -1.16
HAC3 Y01 G . -34.28 -12.35 -1.93
HBE Y01 G . -31.18 -11.56 -1.36
HAP1 Y01 G . -30.48 -12.73 -3.83
HAP2 Y01 G . -29.53 -12.30 -2.68
HAQ1 Y01 G . -30.29 -10.70 -4.84
HAQ2 Y01 G . -29.11 -10.43 -3.87
HBG Y01 G . -30.46 -9.60 -2.24
HBD Y01 G . -31.44 -8.31 -4.50
HAE1 Y01 G . -32.69 -11.67 -4.47
HAE2 Y01 G . -32.83 -10.15 -4.77
HAE3 Y01 G . -33.92 -10.87 -3.92
HAU1 Y01 G . -33.86 -10.10 -1.64
HAU2 Y01 G . -32.53 -9.63 -0.99
HAS1 Y01 G . -33.82 -8.34 -3.15
HAS2 Y01 G . -33.79 -7.79 -1.70
HBF Y01 G . -31.49 -7.40 -1.85
HAK1 Y01 G . -29.22 -7.92 -4.48
HAK2 Y01 G . -29.15 -7.88 -2.94
HAI Y01 G . -28.96 -5.67 -3.69
HAV1 Y01 G . -30.00 -3.62 -3.96
HAV2 Y01 G . -31.40 -3.76 -4.64
HBC Y01 G . -31.02 -3.20 -1.90
HAD1 Y01 G . -33.18 -5.14 -4.83
HAD2 Y01 G . -32.77 -6.60 -5.15
HAD3 Y01 G . -34.01 -6.34 -4.25
HAT1 Y01 G . -32.37 -5.32 -1.26
HAT2 Y01 G . -33.76 -5.53 -1.92
HAR1 Y01 G . -33.34 -3.23 -1.64
HAR2 Y01 G . -33.53 -3.58 -3.15
HAM1 Y01 G . -31.67 0.27 -4.47
HAM2 Y01 G . -31.76 0.75 -3.01
HAL1 Y01 G . -29.15 0.94 -3.70
HAL2 Y01 G . -30.05 2.11 -3.29
CAA Y01 H . -6.34 18.31 -2.43
CBA Y01 H . -5.20 19.32 -2.42
CAB Y01 H . -5.64 20.59 -1.70
CAN Y01 H . -3.93 18.74 -1.77
CAJ Y01 H . -3.24 17.65 -2.58
CAO Y01 H . -2.01 17.08 -1.86
CBB Y01 H . -1.40 15.85 -2.55
CAC Y01 H . -0.83 16.27 -3.91
CBE Y01 H . -0.36 15.14 -1.67
CAP Y01 H . -0.85 14.88 -0.22
CAQ Y01 H . -0.12 13.63 0.29
CBG Y01 H . 0.87 13.30 -0.81
CBI Y01 H . 0.16 13.74 -2.11
CAE Y01 H . -1.02 12.82 -2.44
CAU Y01 H . 1.22 13.72 -3.20
CAS Y01 H . 1.92 12.37 -3.31
CBF Y01 H . 2.51 11.85 -2.00
CBD Y01 H . 1.49 11.91 -0.86
CAK Y01 H . 2.15 11.59 0.47
CAI Y01 H . 3.16 10.50 0.38
CAZ Y01 H . 3.64 10.00 -0.75
CAV Y01 H . 4.64 8.87 -0.71
CBH Y01 H . 3.19 10.46 -2.12
CAD Y01 H . 2.23 9.40 -2.70
CAT Y01 H . 4.42 10.59 -3.04
CAR Y01 H . 5.36 9.40 -3.02
CBC Y01 H . 5.83 9.14 -1.60
OAW Y01 H . 6.72 8.01 -1.64
CAY Y01 H . 7.46 7.74 -0.55
OAG Y01 H . 7.64 8.52 0.34
CAM Y01 H . 8.03 6.35 -0.61
CAL Y01 H . 8.95 6.02 0.54
CAX Y01 H . 9.38 4.54 0.62
OAH Y01 H . 10.01 4.12 -0.37
OAF Y01 H . 9.09 3.90 1.64
HAA1 Y01 H . -7.16 18.67 -2.80
HAA2 Y01 H . -6.53 17.98 -1.55
HAA3 Y01 H . -6.12 17.53 -2.98
HBA Y01 H . -4.99 19.55 -3.34
HAB1 Y01 H . -6.42 20.97 -2.12
HAB2 Y01 H . -4.93 21.26 -1.71
HAB3 Y01 H . -5.86 20.41 -0.77
HAN1 Y01 H . -3.31 19.47 -1.63
HAN2 Y01 H . -4.16 18.40 -0.90
HAJ1 Y01 H . -3.86 16.93 -2.76
HAJ2 Y01 H . -2.99 18.02 -3.45
HAO1 Y01 H . -2.26 16.86 -0.96
HAO2 Y01 H . -1.36 17.79 -1.80
HBB Y01 H . -2.13 15.23 -2.72
HAC1 Y01 H . -1.23 15.77 -4.64
HAC2 Y01 H . 0.12 16.11 -3.95
HAC3 Y01 H . -0.98 17.21 -4.08
HBE Y01 H . 0.42 15.71 -1.63
HAP1 Y01 H . -0.67 15.65 0.35
HAP2 Y01 H . -1.81 14.75 -0.22
HAQ1 Y01 H . 0.32 13.78 1.14
HAQ2 Y01 H . -0.74 12.89 0.44
HBG Y01 H . 1.62 13.91 -0.71
HBD Y01 H . 0.79 11.25 -1.02
HAE1 Y01 H . -0.73 11.91 -2.60
HAE2 Y01 H . -1.70 12.79 -1.75
HAE3 Y01 H . -1.48 13.10 -3.26
HAU1 Y01 H . 1.89 14.41 -3.07
HAU2 Y01 H . 0.79 13.93 -4.05
HAS1 Y01 H . 2.62 12.44 -3.99
HAS2 Y01 H . 1.28 11.72 -3.67
HBF Y01 H . 3.21 12.47 -1.74
HAK1 Y01 H . 1.47 11.34 1.13
HAK2 Y01 H . 2.57 12.38 0.83
HAI Y01 H . 3.46 10.15 1.19
HAV1 Y01 H . 4.21 8.03 -0.96
HAV2 Y01 H . 4.97 8.75 0.20
HBC Y01 H . 6.32 9.92 -1.29
HAD1 Y01 H . 1.36 9.43 -2.28
HAD2 Y01 H . 2.58 8.50 -2.57
HAD3 Y01 H . 2.10 9.51 -3.65
HAT1 Y01 H . 4.92 11.38 -2.80
HAT2 Y01 H . 4.12 10.73 -3.95
HAR1 Y01 H . 4.93 8.60 -3.37
HAR2 Y01 H . 6.13 9.57 -3.60
HAM1 Y01 H . 8.50 6.26 -1.46
HAM2 Y01 H . 7.30 5.72 -0.67
HAL1 Y01 H . 9.74 6.57 0.50
HAL2 Y01 H . 8.53 6.26 1.38
#